data_5XHQ
#
_entry.id   5XHQ
#
_cell.length_a   90.869
_cell.length_b   134.094
_cell.length_c   135.159
_cell.angle_alpha   90.00
_cell.angle_beta   90.00
_cell.angle_gamma   90.00
#
_symmetry.space_group_name_H-M   'P 21 21 21'
#
loop_
_entity.id
_entity.type
_entity.pdbx_description
1 polymer 'Apolipoprotein N-acyltransferase'
2 non-polymer 'heptyl 1-thio-beta-D-glucopyranoside'
3 non-polymer DI(HYDROXYETHYL)ETHER
4 non-polymer GLYCEROL
5 water water
#
_entity_poly.entity_id   1
_entity_poly.type   'polypeptide(L)'
_entity_poly.pdbx_seq_one_letter_code
;MAFASLIERQRIRLLLALLFGACGTLAFSPYDVWPAAIISLMGLQALTFNRRPLQSAAIGFGWGFGLFGSGINWVYVSIA
TFGGMPGPVNIFLVVLLAAYLSLYTGLFAGVLSRLWPKTTWLRVAIAAPALWQVTEFLRGWVLTGFPWLQFGYSQIDGPL
KGLAPIMGVEAINFLLMMVSGLLALALVKRNWRPLVVAVVLFALPFPLRYIQWFTPQPEKTIQVSMVQGDIPQSLKWDEG
QLLNTLKIYYNATAPLMGKSSLIIWPESAITDLEINQQPFLKVLDGELRDKGSSLVTGIVDARLNKQNRYDTYNTIITLG
KGAPYSYESADRYNKNHLVPFGEFVPLESILRPLAPFFDLPMSSFSRGPYIQPPLSVNGIELTAAICYEIILGEQVRDNF
RPDTDYLLTISNDAWFGKSIGPWQHFQMARMRALELARPLLRSTNNGITAVIGPQGEIQAMIPQFTREVLTTNVTPTTGL
TPYARTGNWPLWVLTALFGFAAVLMSLRGSSGSSGG
;
_entity_poly.pdbx_strand_id   A,B
#
loop_
_chem_comp.id
_chem_comp.type
_chem_comp.name
_chem_comp.formula
GOL non-polymer GLYCEROL 'C3 H8 O3'
HTG D-saccharide 'heptyl 1-thio-beta-D-glucopyranoside' 'C13 H26 O5 S'
PEG non-polymer DI(HYDROXYETHYL)ETHER 'C4 H10 O3'
#
# COMPACT_ATOMS: atom_id res chain seq x y z
N ARG A 9 -19.91 8.63 -69.07
CA ARG A 9 -19.97 9.97 -68.50
C ARG A 9 -20.49 9.94 -67.06
N GLN A 10 -21.38 8.99 -66.79
CA GLN A 10 -21.96 8.84 -65.45
C GLN A 10 -21.19 7.81 -64.64
N ARG A 11 -20.97 6.64 -65.22
CA ARG A 11 -20.24 5.58 -64.55
C ARG A 11 -18.87 6.12 -64.30
N ILE A 12 -18.38 6.89 -65.23
CA ILE A 12 -17.15 7.57 -65.06
C ILE A 12 -17.29 8.46 -63.87
N ARG A 13 -18.48 8.99 -63.67
CA ARG A 13 -18.68 9.85 -62.53
C ARG A 13 -18.54 9.13 -61.23
N LEU A 14 -19.20 7.99 -61.12
CA LEU A 14 -19.28 7.24 -59.88
C LEU A 14 -17.93 6.79 -59.48
N LEU A 15 -17.17 6.39 -60.47
CA LEU A 15 -15.83 6.01 -60.13
C LEU A 15 -15.19 7.22 -59.53
N LEU A 16 -15.51 8.36 -60.10
CA LEU A 16 -15.08 9.63 -59.57
C LEU A 16 -15.58 9.98 -58.16
N ALA A 17 -16.83 9.71 -57.82
CA ALA A 17 -17.33 10.00 -56.49
C ALA A 17 -16.59 9.20 -55.44
N LEU A 18 -16.33 7.94 -55.71
CA LEU A 18 -15.49 7.10 -54.86
C LEU A 18 -14.14 7.75 -54.67
N LEU A 19 -13.52 8.18 -55.79
CA LEU A 19 -12.20 8.82 -55.70
C LEU A 19 -12.16 10.12 -54.85
N PHE A 20 -13.06 11.06 -55.10
CA PHE A 20 -13.06 12.35 -54.37
C PHE A 20 -13.42 12.13 -52.90
N GLY A 21 -14.32 11.15 -52.69
CA GLY A 21 -14.66 10.68 -51.36
C GLY A 21 -13.43 10.20 -50.57
N ALA A 22 -12.70 9.24 -51.12
CA ALA A 22 -11.45 8.82 -50.49
C ALA A 22 -10.47 9.99 -50.41
N CYS A 23 -10.58 10.99 -51.27
CA CYS A 23 -9.69 12.16 -51.18
C CYS A 23 -10.04 12.94 -49.92
N GLY A 24 -11.31 12.84 -49.51
CA GLY A 24 -11.68 13.34 -48.19
C GLY A 24 -10.76 12.95 -47.02
N THR A 25 -10.44 11.68 -46.92
CA THR A 25 -9.59 11.17 -45.83
C THR A 25 -8.29 11.95 -45.63
N LEU A 26 -7.58 12.30 -46.70
CA LEU A 26 -6.26 12.95 -46.54
C LEU A 26 -6.27 14.33 -45.92
N ALA A 27 -7.43 14.88 -45.60
CA ALA A 27 -7.46 16.16 -44.93
C ALA A 27 -7.14 15.93 -43.45
N PHE A 28 -7.69 14.84 -42.93
CA PHE A 28 -7.50 14.48 -41.54
C PHE A 28 -6.07 13.97 -41.25
N SER A 29 -5.77 13.80 -39.96
CA SER A 29 -4.49 13.28 -39.50
C SER A 29 -4.49 11.78 -39.67
N PRO A 30 -3.34 11.17 -39.97
CA PRO A 30 -1.96 11.72 -39.94
C PRO A 30 -1.49 12.47 -41.18
N TYR A 31 -2.38 12.74 -42.13
CA TYR A 31 -1.97 13.37 -43.39
C TYR A 31 -1.94 14.88 -43.28
N ASP A 32 -2.94 15.41 -42.58
CA ASP A 32 -3.01 16.85 -42.27
C ASP A 32 -2.96 17.74 -43.49
N VAL A 33 -3.49 17.25 -44.61
CA VAL A 33 -3.61 18.05 -45.84
C VAL A 33 -4.97 18.73 -45.92
N TRP A 34 -5.12 19.93 -45.37
CA TRP A 34 -6.48 20.49 -45.28
C TRP A 34 -7.16 20.86 -46.64
N PRO A 35 -6.41 21.30 -47.67
CA PRO A 35 -7.19 21.62 -48.89
C PRO A 35 -7.91 20.40 -49.51
N ALA A 36 -7.45 19.19 -49.18
CA ALA A 36 -8.10 17.98 -49.64
C ALA A 36 -9.56 17.92 -49.21
N ALA A 37 -9.90 18.70 -48.19
CA ALA A 37 -11.28 18.77 -47.76
C ALA A 37 -12.08 19.52 -48.80
N ILE A 38 -11.52 20.62 -49.30
CA ILE A 38 -12.20 21.44 -50.30
C ILE A 38 -12.32 20.61 -51.57
N ILE A 39 -11.20 20.07 -52.03
CA ILE A 39 -11.21 19.21 -53.21
C ILE A 39 -12.24 18.09 -53.09
N SER A 40 -12.31 17.45 -51.95
CA SER A 40 -13.27 16.35 -51.77
C SER A 40 -14.70 16.87 -51.91
N LEU A 41 -14.97 17.95 -51.19
CA LEU A 41 -16.29 18.56 -51.13
C LEU A 41 -16.78 19.10 -52.48
N MET A 42 -15.90 19.75 -53.23
CA MET A 42 -16.33 20.30 -54.50
C MET A 42 -16.42 19.14 -55.49
N GLY A 43 -15.68 18.07 -55.21
CA GLY A 43 -15.86 16.81 -55.90
C GLY A 43 -17.31 16.37 -55.77
N LEU A 44 -17.79 16.27 -54.54
CA LEU A 44 -19.19 15.93 -54.32
C LEU A 44 -20.14 16.92 -55.04
N GLN A 45 -20.01 18.22 -54.76
CA GLN A 45 -20.89 19.25 -55.35
C GLN A 45 -20.96 19.20 -56.89
N ALA A 46 -19.80 19.27 -57.53
CA ALA A 46 -19.68 19.25 -58.98
C ALA A 46 -20.15 17.94 -59.62
N LEU A 47 -19.78 16.79 -59.05
CA LEU A 47 -20.23 15.53 -59.63
C LEU A 47 -21.73 15.35 -59.48
N THR A 48 -22.37 16.10 -58.61
CA THR A 48 -23.82 15.97 -58.52
C THR A 48 -24.56 16.86 -59.51
N PHE A 49 -23.80 17.59 -60.31
CA PHE A 49 -24.37 18.47 -61.31
C PHE A 49 -24.99 17.75 -62.50
N ASN A 50 -26.15 18.22 -62.95
CA ASN A 50 -26.73 17.67 -64.17
C ASN A 50 -27.16 16.20 -64.11
N ARG A 51 -28.03 15.85 -63.18
CA ARG A 51 -28.45 14.47 -63.03
C ARG A 51 -29.77 14.35 -62.29
N ARG A 52 -30.49 13.24 -62.44
CA ARG A 52 -31.80 13.15 -61.78
C ARG A 52 -31.63 12.79 -60.30
N PRO A 53 -32.58 13.22 -59.45
CA PRO A 53 -32.58 13.08 -57.99
C PRO A 53 -31.95 11.78 -57.47
N LEU A 54 -32.43 10.66 -57.99
CA LEU A 54 -32.02 9.34 -57.54
C LEU A 54 -30.58 9.03 -57.93
N GLN A 55 -30.25 9.16 -59.21
CA GLN A 55 -28.90 8.94 -59.70
C GLN A 55 -27.90 9.78 -58.89
N SER A 56 -28.27 11.03 -58.68
CA SER A 56 -27.51 11.94 -57.83
C SER A 56 -27.29 11.34 -56.45
N ALA A 57 -28.37 11.02 -55.75
CA ALA A 57 -28.27 10.43 -54.41
C ALA A 57 -27.35 9.19 -54.40
N ALA A 58 -27.35 8.42 -55.47
CA ALA A 58 -26.45 7.28 -55.60
C ALA A 58 -25.00 7.74 -55.74
N ILE A 59 -24.81 8.88 -56.40
CA ILE A 59 -23.48 9.50 -56.48
C ILE A 59 -23.00 9.96 -55.09
N GLY A 60 -23.96 10.41 -54.27
CA GLY A 60 -23.67 10.89 -52.93
C GLY A 60 -23.26 9.69 -52.09
N PHE A 61 -24.00 8.60 -52.28
CA PHE A 61 -23.68 7.33 -51.63
C PHE A 61 -22.28 6.92 -52.02
N GLY A 62 -21.96 6.83 -53.30
CA GLY A 62 -20.61 6.51 -53.72
C GLY A 62 -19.51 7.41 -53.18
N TRP A 63 -19.82 8.70 -53.03
CA TRP A 63 -18.88 9.66 -52.43
C TRP A 63 -18.60 9.32 -50.95
N GLY A 64 -19.68 9.20 -50.19
CA GLY A 64 -19.60 8.76 -48.82
C GLY A 64 -18.87 7.43 -48.67
N PHE A 65 -19.03 6.54 -49.63
CA PHE A 65 -18.41 5.25 -49.52
C PHE A 65 -16.93 5.41 -49.81
N GLY A 66 -16.58 6.31 -50.72
CA GLY A 66 -15.18 6.67 -50.87
C GLY A 66 -14.60 7.14 -49.53
N LEU A 67 -15.28 8.09 -48.89
CA LEU A 67 -14.78 8.71 -47.65
C LEU A 67 -14.68 7.74 -46.46
N PHE A 68 -15.83 7.30 -45.97
CA PHE A 68 -15.92 6.36 -44.89
C PHE A 68 -15.21 5.04 -45.19
N GLY A 69 -15.31 4.58 -46.44
CA GLY A 69 -14.64 3.36 -46.82
C GLY A 69 -13.14 3.50 -46.72
N SER A 70 -12.58 4.63 -47.17
CA SER A 70 -11.14 4.81 -47.00
C SER A 70 -10.78 5.28 -45.58
N GLY A 71 -11.76 5.54 -44.73
CA GLY A 71 -11.53 6.42 -43.60
C GLY A 71 -11.91 5.97 -42.22
N ILE A 72 -12.75 4.97 -42.13
CA ILE A 72 -13.08 4.39 -40.84
C ILE A 72 -13.05 2.88 -40.92
N ASN A 73 -12.19 2.32 -41.76
CA ASN A 73 -12.14 0.87 -41.87
C ASN A 73 -11.39 0.30 -40.70
N TRP A 74 -10.69 1.17 -39.96
CA TRP A 74 -9.90 0.74 -38.83
C TRP A 74 -10.77 0.10 -37.75
N VAL A 75 -12.09 0.31 -37.80
CA VAL A 75 -13.00 -0.34 -36.87
C VAL A 75 -12.84 -1.87 -36.97
N TYR A 76 -12.49 -2.31 -38.17
CA TYR A 76 -12.12 -3.70 -38.43
C TYR A 76 -11.05 -4.19 -37.46
N VAL A 77 -9.95 -3.45 -37.35
CA VAL A 77 -8.83 -3.81 -36.48
C VAL A 77 -9.32 -4.09 -35.07
N SER A 78 -10.40 -3.45 -34.66
CA SER A 78 -10.99 -3.79 -33.37
C SER A 78 -11.78 -5.09 -33.43
N ILE A 79 -12.86 -5.06 -34.19
CA ILE A 79 -13.84 -6.13 -34.11
C ILE A 79 -13.28 -7.49 -34.54
N ALA A 80 -12.19 -7.47 -35.29
CA ALA A 80 -11.61 -8.68 -35.88
C ALA A 80 -10.66 -9.40 -34.94
N THR A 81 -9.89 -8.62 -34.16
CA THR A 81 -8.91 -9.17 -33.24
C THR A 81 -9.56 -9.45 -31.89
N PHE A 82 -10.54 -8.63 -31.53
CA PHE A 82 -11.10 -8.72 -30.18
C PHE A 82 -12.58 -9.12 -30.15
N GLY A 83 -13.22 -9.14 -31.33
CA GLY A 83 -14.56 -9.71 -31.43
C GLY A 83 -14.50 -11.21 -31.63
N GLY A 84 -13.57 -11.66 -32.47
CA GLY A 84 -13.36 -13.08 -32.69
C GLY A 84 -14.23 -13.68 -33.78
N MET A 85 -15.09 -12.85 -34.39
CA MET A 85 -15.99 -13.27 -35.46
C MET A 85 -15.21 -13.75 -36.71
N PRO A 86 -15.78 -14.71 -37.47
CA PRO A 86 -15.12 -15.47 -38.55
C PRO A 86 -14.03 -14.73 -39.36
N GLY A 87 -14.41 -13.69 -40.09
CA GLY A 87 -13.49 -12.97 -40.94
C GLY A 87 -14.25 -12.23 -42.02
N PRO A 88 -14.85 -13.01 -42.95
CA PRO A 88 -15.81 -12.42 -43.88
C PRO A 88 -16.91 -11.69 -43.11
N VAL A 89 -17.35 -12.22 -41.97
CA VAL A 89 -18.31 -11.53 -41.13
C VAL A 89 -17.82 -10.13 -40.74
N ASN A 90 -16.59 -10.05 -40.22
CA ASN A 90 -16.00 -8.76 -39.89
C ASN A 90 -15.98 -7.79 -41.07
N ILE A 91 -15.37 -8.21 -42.19
CA ILE A 91 -15.26 -7.33 -43.35
C ILE A 91 -16.65 -6.84 -43.77
N PHE A 92 -17.62 -7.75 -43.70
CA PHE A 92 -19.02 -7.41 -43.94
C PHE A 92 -19.48 -6.30 -43.00
N LEU A 93 -19.21 -6.44 -41.71
CA LEU A 93 -19.64 -5.44 -40.73
C LEU A 93 -19.04 -4.06 -41.02
N VAL A 94 -17.81 -4.05 -41.48
CA VAL A 94 -17.12 -2.80 -41.79
C VAL A 94 -17.72 -2.13 -43.03
N VAL A 95 -17.75 -2.88 -44.15
CA VAL A 95 -18.28 -2.35 -45.40
C VAL A 95 -19.74 -1.90 -45.21
N LEU A 96 -20.49 -2.65 -44.40
CA LEU A 96 -21.84 -2.24 -44.03
C LEU A 96 -21.84 -0.94 -43.24
N LEU A 97 -20.90 -0.76 -42.32
CA LEU A 97 -20.84 0.50 -41.56
C LEU A 97 -20.63 1.69 -42.49
N ALA A 98 -19.57 1.60 -43.29
CA ALA A 98 -19.25 2.66 -44.25
C ALA A 98 -20.47 2.99 -45.11
N ALA A 99 -21.09 1.95 -45.68
CA ALA A 99 -22.24 2.13 -46.55
C ALA A 99 -23.40 2.80 -45.82
N TYR A 100 -23.67 2.32 -44.61
CA TYR A 100 -24.75 2.87 -43.80
C TYR A 100 -24.53 4.37 -43.59
N LEU A 101 -23.28 4.76 -43.33
CA LEU A 101 -22.99 6.16 -43.11
C LEU A 101 -23.17 6.92 -44.41
N SER A 102 -22.95 6.23 -45.53
CA SER A 102 -23.07 6.83 -46.86
C SER A 102 -24.54 6.97 -47.27
N LEU A 103 -25.44 6.32 -46.55
CA LEU A 103 -26.86 6.62 -46.73
C LEU A 103 -27.12 8.11 -46.51
N TYR A 104 -26.38 8.71 -45.59
CA TYR A 104 -26.57 10.11 -45.27
C TYR A 104 -26.07 11.02 -46.38
N THR A 105 -24.90 10.74 -46.93
CA THR A 105 -24.41 11.56 -48.02
C THR A 105 -25.38 11.41 -49.19
N GLY A 106 -25.94 10.22 -49.34
CA GLY A 106 -26.98 10.00 -50.34
C GLY A 106 -28.29 10.75 -50.06
N LEU A 107 -28.66 10.94 -48.80
CA LEU A 107 -29.87 11.66 -48.47
C LEU A 107 -29.63 13.13 -48.75
N PHE A 108 -28.40 13.55 -48.51
CA PHE A 108 -27.97 14.90 -48.82
C PHE A 108 -28.10 15.16 -50.31
N ALA A 109 -27.39 14.38 -51.13
CA ALA A 109 -27.40 14.55 -52.58
C ALA A 109 -28.80 14.38 -53.15
N GLY A 110 -29.58 13.53 -52.49
CA GLY A 110 -30.94 13.24 -52.89
C GLY A 110 -31.82 14.46 -52.75
N VAL A 111 -32.06 14.88 -51.51
CA VAL A 111 -32.91 16.03 -51.26
C VAL A 111 -32.38 17.28 -51.96
N LEU A 112 -31.06 17.34 -52.16
CA LEU A 112 -30.47 18.46 -52.90
C LEU A 112 -30.90 18.47 -54.38
N SER A 113 -30.78 17.33 -55.06
CA SER A 113 -31.20 17.31 -56.46
C SER A 113 -32.72 17.43 -56.61
N ARG A 114 -33.47 16.86 -55.68
CA ARG A 114 -34.93 16.98 -55.78
C ARG A 114 -35.37 18.42 -55.62
N LEU A 115 -35.03 19.03 -54.49
CA LEU A 115 -35.55 20.36 -54.20
C LEU A 115 -34.77 21.51 -54.86
N TRP A 116 -33.64 21.24 -55.51
CA TRP A 116 -32.94 22.33 -56.22
C TRP A 116 -32.17 21.87 -57.47
N PRO A 117 -32.87 21.51 -58.55
CA PRO A 117 -32.31 20.85 -59.75
C PRO A 117 -31.22 21.55 -60.58
N LYS A 118 -31.05 22.86 -60.54
CA LYS A 118 -30.14 23.48 -61.50
C LYS A 118 -28.82 23.98 -60.91
N THR A 119 -27.78 23.93 -61.74
CA THR A 119 -26.41 24.32 -61.38
C THR A 119 -26.30 25.82 -61.06
N THR A 120 -26.62 26.20 -59.82
CA THR A 120 -26.64 27.61 -59.43
C THR A 120 -25.90 27.95 -58.14
N TRP A 121 -25.75 29.26 -57.90
CA TRP A 121 -25.15 29.76 -56.68
C TRP A 121 -26.06 29.47 -55.51
N LEU A 122 -27.36 29.42 -55.80
CA LEU A 122 -28.36 29.12 -54.78
C LEU A 122 -28.08 27.72 -54.26
N ARG A 123 -27.99 26.78 -55.20
CA ARG A 123 -27.76 25.39 -54.90
C ARG A 123 -26.46 25.19 -54.14
N VAL A 124 -25.34 25.63 -54.71
CA VAL A 124 -24.07 25.30 -54.07
C VAL A 124 -23.81 26.08 -52.76
N ALA A 125 -24.27 27.32 -52.64
CA ALA A 125 -23.88 28.10 -51.47
C ALA A 125 -24.99 28.44 -50.48
N ILE A 126 -26.22 27.98 -50.73
CA ILE A 126 -27.31 28.29 -49.81
C ILE A 126 -28.10 27.05 -49.41
N ALA A 127 -28.41 26.22 -50.40
CA ALA A 127 -29.07 24.95 -50.13
C ALA A 127 -28.10 23.96 -49.46
N ALA A 128 -26.96 23.71 -50.10
CA ALA A 128 -26.06 22.65 -49.66
C ALA A 128 -25.60 22.82 -48.21
N PRO A 129 -25.18 24.04 -47.80
CA PRO A 129 -24.74 24.08 -46.40
C PRO A 129 -25.84 23.74 -45.39
N ALA A 130 -27.04 24.27 -45.55
CA ALA A 130 -28.12 23.93 -44.62
C ALA A 130 -28.47 22.44 -44.67
N LEU A 131 -28.61 21.90 -45.88
CA LEU A 131 -28.95 20.49 -46.03
C LEU A 131 -27.88 19.60 -45.39
N TRP A 132 -26.61 19.92 -45.64
CA TRP A 132 -25.48 19.18 -45.10
C TRP A 132 -25.44 19.26 -43.60
N GLN A 133 -25.76 20.42 -43.05
CA GLN A 133 -25.87 20.55 -41.61
C GLN A 133 -26.92 19.61 -41.07
N VAL A 134 -28.05 19.46 -41.76
CA VAL A 134 -29.06 18.59 -41.18
C VAL A 134 -28.74 17.12 -41.37
N THR A 135 -28.12 16.76 -42.49
CA THR A 135 -27.83 15.35 -42.77
C THR A 135 -26.66 14.85 -41.91
N GLU A 136 -25.67 15.72 -41.68
CA GLU A 136 -24.57 15.39 -40.78
C GLU A 136 -25.09 15.38 -39.34
N PHE A 137 -25.99 16.30 -39.02
CA PHE A 137 -26.59 16.29 -37.68
C PHE A 137 -27.24 14.95 -37.44
N LEU A 138 -28.02 14.50 -38.42
CA LEU A 138 -28.67 13.19 -38.35
C LEU A 138 -27.63 12.08 -38.18
N ARG A 139 -26.70 12.00 -39.11
CA ARG A 139 -25.61 11.03 -39.06
C ARG A 139 -24.97 10.93 -37.67
N GLY A 140 -24.88 12.07 -36.99
CA GLY A 140 -24.34 12.13 -35.65
C GLY A 140 -25.41 11.93 -34.59
N TRP A 141 -26.67 11.86 -34.98
CA TRP A 141 -27.75 11.78 -33.96
C TRP A 141 -28.48 10.44 -33.90
N VAL A 142 -28.85 9.92 -35.06
CA VAL A 142 -29.61 8.69 -35.17
C VAL A 142 -28.78 7.56 -34.56
N LEU A 143 -29.43 6.73 -33.76
CA LEU A 143 -28.78 5.58 -33.15
C LEU A 143 -27.61 5.98 -32.29
N THR A 144 -27.73 7.13 -31.65
CA THR A 144 -26.73 7.66 -30.73
C THR A 144 -25.61 8.27 -31.53
N GLY A 145 -25.66 8.11 -32.84
CA GLY A 145 -24.76 8.79 -33.73
C GLY A 145 -23.42 8.22 -34.05
N PHE A 146 -22.82 8.82 -35.04
CA PHE A 146 -21.41 8.58 -35.34
C PHE A 146 -20.84 9.71 -36.19
N PRO A 147 -20.64 10.89 -35.56
CA PRO A 147 -20.23 12.09 -36.29
C PRO A 147 -18.78 12.07 -36.73
N TRP A 148 -18.31 10.95 -37.26
CA TRP A 148 -16.90 10.81 -37.58
C TRP A 148 -16.60 11.26 -39.00
N LEU A 149 -15.45 11.94 -39.14
CA LEU A 149 -14.97 12.54 -40.40
C LEU A 149 -15.80 13.74 -40.88
N GLN A 150 -15.74 14.81 -40.09
CA GLN A 150 -16.30 16.12 -40.40
C GLN A 150 -15.17 17.07 -40.76
N PHE A 151 -15.24 17.64 -41.96
CA PHE A 151 -14.07 18.26 -42.58
C PHE A 151 -13.51 19.42 -41.76
N GLY A 152 -14.35 20.03 -40.93
CA GLY A 152 -13.94 21.14 -40.09
C GLY A 152 -12.70 20.91 -39.25
N TYR A 153 -12.58 19.69 -38.73
CA TYR A 153 -11.42 19.28 -37.95
C TYR A 153 -10.10 19.40 -38.71
N SER A 154 -10.13 19.36 -40.05
CA SER A 154 -8.91 19.50 -40.82
C SER A 154 -8.31 20.89 -40.65
N GLN A 155 -9.14 21.85 -40.22
CA GLN A 155 -8.69 23.23 -40.11
C GLN A 155 -8.03 23.55 -38.77
N ILE A 156 -7.69 22.53 -37.99
CA ILE A 156 -7.18 22.75 -36.64
C ILE A 156 -5.82 23.46 -36.66
N ASP A 157 -4.97 23.16 -37.65
CA ASP A 157 -3.68 23.85 -37.78
C ASP A 157 -3.67 24.83 -38.97
N GLY A 158 -4.87 25.20 -39.38
CA GLY A 158 -5.11 25.82 -40.64
C GLY A 158 -5.86 27.09 -40.38
N PRO A 159 -5.91 27.99 -41.44
CA PRO A 159 -6.76 29.15 -41.18
C PRO A 159 -8.18 28.72 -41.15
N LEU A 160 -9.03 29.59 -40.69
CA LEU A 160 -10.41 29.28 -40.37
C LEU A 160 -10.57 28.73 -38.99
N LYS A 161 -9.48 28.54 -38.28
CA LYS A 161 -9.58 27.94 -36.96
C LYS A 161 -10.33 28.85 -36.05
N GLY A 162 -10.33 30.13 -36.40
CA GLY A 162 -10.92 31.18 -35.62
C GLY A 162 -12.40 30.99 -35.43
N LEU A 163 -13.04 30.33 -36.35
CA LEU A 163 -14.46 30.14 -36.28
C LEU A 163 -14.92 29.32 -35.13
N ALA A 164 -14.09 28.38 -34.71
CA ALA A 164 -14.49 27.38 -33.73
C ALA A 164 -14.84 27.98 -32.37
N PRO A 165 -13.98 28.83 -31.79
CA PRO A 165 -14.45 29.33 -30.49
C PRO A 165 -15.65 30.27 -30.59
N ILE A 166 -16.01 30.68 -31.81
CA ILE A 166 -17.17 31.53 -32.02
C ILE A 166 -18.46 30.74 -32.23
N MET A 167 -18.44 29.84 -33.20
CA MET A 167 -19.65 29.09 -33.50
C MET A 167 -19.43 27.59 -33.54
N GLY A 168 -18.19 27.15 -33.34
CA GLY A 168 -17.89 25.72 -33.21
C GLY A 168 -17.39 25.09 -34.49
N VAL A 169 -17.06 23.80 -34.42
CA VAL A 169 -16.49 23.08 -35.58
C VAL A 169 -17.52 22.95 -36.70
N GLU A 170 -18.79 22.82 -36.35
CA GLU A 170 -19.82 22.65 -37.36
C GLU A 170 -19.94 23.89 -38.27
N ALA A 171 -19.59 25.06 -37.75
CA ALA A 171 -19.56 26.28 -38.57
C ALA A 171 -18.45 26.18 -39.58
N ILE A 172 -17.37 25.49 -39.23
CA ILE A 172 -16.31 25.27 -40.20
C ILE A 172 -16.76 24.26 -41.26
N ASN A 173 -17.57 23.28 -40.86
CA ASN A 173 -18.09 22.32 -41.85
C ASN A 173 -18.99 23.10 -42.85
N PHE A 174 -19.85 23.94 -42.28
CA PHE A 174 -20.74 24.84 -43.04
C PHE A 174 -19.98 25.68 -44.06
N LEU A 175 -19.03 26.45 -43.55
CA LEU A 175 -18.25 27.33 -44.40
C LEU A 175 -17.48 26.54 -45.46
N LEU A 176 -17.00 25.35 -45.13
CA LEU A 176 -16.28 24.55 -46.11
C LEU A 176 -17.18 24.01 -47.23
N MET A 177 -18.41 23.63 -46.90
CA MET A 177 -19.32 23.13 -47.92
C MET A 177 -19.75 24.28 -48.85
N MET A 178 -20.03 25.42 -48.24
CA MET A 178 -20.33 26.65 -48.96
C MET A 178 -19.21 27.00 -49.95
N VAL A 179 -18.01 27.20 -49.41
CA VAL A 179 -16.88 27.64 -50.23
C VAL A 179 -16.59 26.65 -51.34
N SER A 180 -16.56 25.37 -50.99
CA SER A 180 -16.25 24.32 -51.94
C SER A 180 -17.30 24.28 -53.05
N GLY A 181 -18.56 24.45 -52.66
CA GLY A 181 -19.66 24.57 -53.61
C GLY A 181 -19.43 25.68 -54.63
N LEU A 182 -19.21 26.90 -54.14
CA LEU A 182 -18.94 28.03 -55.05
C LEU A 182 -17.75 27.75 -55.96
N LEU A 183 -16.74 27.07 -55.45
CA LEU A 183 -15.62 26.67 -56.30
C LEU A 183 -16.06 25.65 -57.37
N ALA A 184 -17.02 24.81 -57.02
CA ALA A 184 -17.50 23.81 -57.97
C ALA A 184 -18.19 24.54 -59.11
N LEU A 185 -19.06 25.47 -58.73
CA LEU A 185 -19.78 26.37 -59.65
C LEU A 185 -18.82 27.13 -60.56
N ALA A 186 -17.89 27.85 -59.95
CA ALA A 186 -16.89 28.60 -60.68
C ALA A 186 -16.21 27.70 -61.69
N LEU A 187 -15.93 26.47 -61.27
CA LEU A 187 -15.17 25.57 -62.12
C LEU A 187 -15.95 25.09 -63.33
N VAL A 188 -17.15 24.56 -63.12
CA VAL A 188 -17.90 23.96 -64.22
C VAL A 188 -18.57 25.00 -65.14
N LYS A 189 -18.71 26.23 -64.66
CA LYS A 189 -19.29 27.27 -65.50
C LYS A 189 -18.23 28.29 -65.91
N ARG A 190 -16.98 28.01 -65.57
CA ARG A 190 -15.84 28.87 -65.89
C ARG A 190 -16.05 30.36 -65.50
N ASN A 191 -16.98 30.61 -64.58
CA ASN A 191 -17.32 31.96 -64.15
C ASN A 191 -16.53 32.41 -62.92
N TRP A 192 -15.84 33.54 -63.04
CA TRP A 192 -14.99 34.03 -61.96
C TRP A 192 -15.78 34.59 -60.79
N ARG A 193 -17.07 34.82 -60.99
CA ARG A 193 -17.91 35.40 -59.93
C ARG A 193 -18.06 34.46 -58.71
N PRO A 194 -18.43 33.19 -58.93
CA PRO A 194 -18.47 32.29 -57.77
C PRO A 194 -17.09 32.08 -57.15
N LEU A 195 -16.04 32.14 -57.97
CA LEU A 195 -14.68 32.00 -57.48
C LEU A 195 -14.33 33.14 -56.52
N VAL A 196 -14.62 34.36 -56.95
CA VAL A 196 -14.35 35.54 -56.14
C VAL A 196 -15.13 35.46 -54.83
N VAL A 197 -16.42 35.15 -54.90
CA VAL A 197 -17.20 35.04 -53.67
C VAL A 197 -16.65 33.91 -52.77
N ALA A 198 -16.17 32.85 -53.39
CA ALA A 198 -15.54 31.76 -52.65
C ALA A 198 -14.34 32.26 -51.85
N VAL A 199 -13.37 32.84 -52.56
CA VAL A 199 -12.16 33.38 -51.95
C VAL A 199 -12.44 34.43 -50.86
N VAL A 200 -13.48 35.21 -51.08
CA VAL A 200 -13.78 36.22 -50.09
C VAL A 200 -14.32 35.54 -48.84
N LEU A 201 -15.30 34.66 -49.04
CA LEU A 201 -15.95 34.00 -47.92
C LEU A 201 -14.98 33.11 -47.10
N PHE A 202 -14.00 32.55 -47.78
CA PHE A 202 -12.97 31.75 -47.14
C PHE A 202 -11.99 32.63 -46.38
N ALA A 203 -11.71 33.82 -46.89
CA ALA A 203 -10.68 34.67 -46.27
C ALA A 203 -11.19 35.60 -45.16
N LEU A 204 -12.50 35.81 -45.07
CA LEU A 204 -13.04 36.70 -44.03
C LEU A 204 -12.59 36.31 -42.61
N PRO A 205 -12.60 35.00 -42.26
CA PRO A 205 -12.21 34.73 -40.87
C PRO A 205 -10.71 34.66 -40.57
N PHE A 206 -9.82 34.75 -41.55
CA PHE A 206 -8.37 34.70 -41.27
C PHE A 206 -7.94 35.56 -40.06
N PRO A 207 -8.48 36.79 -39.92
CA PRO A 207 -8.14 37.53 -38.70
C PRO A 207 -8.66 36.90 -37.39
N LEU A 208 -9.70 36.07 -37.44
CA LEU A 208 -10.18 35.38 -36.24
C LEU A 208 -9.14 34.42 -35.61
N ARG A 209 -8.17 34.01 -36.42
CA ARG A 209 -7.05 33.16 -36.06
C ARG A 209 -6.22 33.73 -34.91
N TYR A 210 -6.43 35.01 -34.56
CA TYR A 210 -5.53 35.68 -33.63
C TYR A 210 -6.22 36.26 -32.40
N ILE A 211 -7.55 36.17 -32.35
CA ILE A 211 -8.28 36.51 -31.14
C ILE A 211 -7.95 35.53 -30.01
N GLN A 212 -7.66 36.05 -28.82
CA GLN A 212 -7.48 35.24 -27.63
C GLN A 212 -8.65 35.45 -26.67
N TRP A 213 -9.56 34.48 -26.61
CA TRP A 213 -10.75 34.61 -25.75
C TRP A 213 -10.44 34.35 -24.29
N PHE A 214 -9.15 34.13 -24.01
CA PHE A 214 -8.71 33.60 -22.73
C PHE A 214 -7.56 34.41 -22.20
N THR A 215 -7.34 34.27 -20.90
CA THR A 215 -6.20 34.86 -20.20
C THR A 215 -5.33 33.76 -19.57
N PRO A 216 -4.06 33.68 -19.96
CA PRO A 216 -3.18 32.76 -19.25
C PRO A 216 -3.16 33.11 -17.76
N GLN A 217 -2.91 32.12 -16.91
CA GLN A 217 -2.78 32.34 -15.48
C GLN A 217 -1.54 31.61 -14.97
N PRO A 218 -0.35 32.20 -15.21
CA PRO A 218 0.93 31.57 -14.87
C PRO A 218 1.05 31.30 -13.37
N GLU A 219 0.26 32.02 -12.57
CA GLU A 219 0.27 31.85 -11.12
C GLU A 219 -0.27 30.47 -10.74
N LYS A 220 -0.98 29.81 -11.65
CA LYS A 220 -1.51 28.49 -11.36
C LYS A 220 -0.81 27.40 -12.17
N THR A 221 0.34 27.75 -12.74
CA THR A 221 1.14 26.79 -13.49
C THR A 221 1.54 25.62 -12.60
N ILE A 222 1.43 24.40 -13.13
CA ILE A 222 1.80 23.20 -12.38
C ILE A 222 2.63 22.24 -13.20
N GLN A 223 3.26 21.28 -12.54
CA GLN A 223 3.82 20.14 -13.26
C GLN A 223 2.77 19.04 -13.33
N VAL A 224 2.55 18.58 -14.56
CA VAL A 224 1.62 17.51 -14.81
C VAL A 224 2.37 16.34 -15.44
N SER A 225 1.91 15.16 -15.07
CA SER A 225 2.46 13.91 -15.56
C SER A 225 1.32 13.00 -15.95
N MET A 226 1.47 12.31 -17.07
CA MET A 226 0.46 11.38 -17.51
C MET A 226 1.16 10.08 -17.83
N VAL A 227 0.78 9.02 -17.11
CA VAL A 227 1.44 7.74 -17.27
C VAL A 227 0.84 6.96 -18.44
N GLN A 228 1.65 6.74 -19.45
CA GLN A 228 1.24 5.94 -20.59
C GLN A 228 1.70 4.50 -20.39
N GLY A 229 0.80 3.69 -19.83
CA GLY A 229 1.09 2.35 -19.35
C GLY A 229 1.55 1.38 -20.41
N ASP A 230 0.86 1.36 -21.55
CA ASP A 230 1.15 0.47 -22.66
C ASP A 230 1.01 -1.00 -22.24
N ILE A 231 -0.05 -1.27 -21.50
CA ILE A 231 -0.48 -2.63 -21.27
C ILE A 231 -1.02 -3.17 -22.57
N PRO A 232 -0.50 -4.32 -23.03
CA PRO A 232 -1.02 -4.97 -24.24
C PRO A 232 -2.52 -5.25 -24.11
N GLN A 233 -3.27 -5.02 -25.18
CA GLN A 233 -4.73 -5.06 -25.09
C GLN A 233 -5.25 -6.44 -24.76
N SER A 234 -4.71 -7.43 -25.44
CA SER A 234 -5.14 -8.83 -25.28
C SER A 234 -5.10 -9.32 -23.85
N LEU A 235 -4.09 -8.86 -23.11
CA LEU A 235 -3.90 -9.19 -21.71
C LEU A 235 -4.60 -8.24 -20.74
N LYS A 236 -4.81 -6.99 -21.17
CA LYS A 236 -5.23 -5.89 -20.29
C LYS A 236 -6.22 -6.27 -19.18
N TRP A 237 -7.07 -7.28 -19.41
CA TRP A 237 -8.12 -7.60 -18.47
C TRP A 237 -8.01 -9.00 -17.88
N ASP A 238 -6.86 -9.64 -18.07
CA ASP A 238 -6.58 -10.94 -17.46
C ASP A 238 -6.29 -10.82 -15.99
N GLU A 239 -6.92 -11.64 -15.15
CA GLU A 239 -6.61 -11.70 -13.72
C GLU A 239 -5.10 -11.74 -13.39
N GLY A 240 -4.31 -12.34 -14.26
CA GLY A 240 -2.88 -12.41 -14.04
C GLY A 240 -2.09 -11.23 -14.58
N GLN A 241 -2.79 -10.22 -15.07
CA GLN A 241 -2.13 -9.02 -15.57
C GLN A 241 -2.22 -7.92 -14.51
N LEU A 242 -3.30 -7.99 -13.74
CA LEU A 242 -3.73 -6.92 -12.86
C LEU A 242 -2.63 -6.31 -12.01
N LEU A 243 -1.82 -7.17 -11.40
CA LEU A 243 -0.77 -6.76 -10.48
C LEU A 243 0.43 -6.20 -11.22
N ASN A 244 0.75 -6.76 -12.38
CA ASN A 244 1.83 -6.19 -13.17
C ASN A 244 1.43 -4.80 -13.65
N THR A 245 0.13 -4.60 -13.86
CA THR A 245 -0.36 -3.29 -14.24
C THR A 245 -0.26 -2.31 -13.06
N LEU A 246 -0.76 -2.72 -11.90
CA LEU A 246 -0.70 -1.87 -10.72
C LEU A 246 0.74 -1.52 -10.36
N LYS A 247 1.65 -2.45 -10.56
CA LYS A 247 3.08 -2.17 -10.33
C LYS A 247 3.65 -1.23 -11.38
N ILE A 248 3.35 -1.47 -12.66
CA ILE A 248 3.80 -0.59 -13.75
C ILE A 248 3.42 0.87 -13.49
N TYR A 249 2.15 1.09 -13.17
CA TYR A 249 1.64 2.42 -12.93
C TYR A 249 2.12 3.01 -11.62
N TYR A 250 2.06 2.24 -10.52
CA TYR A 250 2.52 2.79 -9.26
C TYR A 250 3.97 3.21 -9.39
N ASN A 251 4.78 2.35 -9.99
CA ASN A 251 6.20 2.64 -10.07
C ASN A 251 6.52 3.75 -11.04
N ALA A 252 5.72 3.93 -12.09
CA ALA A 252 5.90 5.09 -12.95
C ALA A 252 5.57 6.37 -12.18
N THR A 253 4.60 6.24 -11.28
CA THR A 253 4.05 7.37 -10.57
C THR A 253 4.95 7.82 -9.39
N ALA A 254 5.63 6.87 -8.76
CA ALA A 254 6.35 7.15 -7.51
C ALA A 254 7.44 8.21 -7.60
N PRO A 255 8.34 8.16 -8.60
CA PRO A 255 9.39 9.20 -8.58
C PRO A 255 8.92 10.60 -8.94
N LEU A 256 7.62 10.81 -9.13
CA LEU A 256 7.12 12.11 -9.55
C LEU A 256 6.34 12.72 -8.40
N MET A 257 6.23 11.97 -7.32
CA MET A 257 5.24 12.27 -6.30
C MET A 257 5.49 13.57 -5.53
N GLY A 258 6.73 14.03 -5.48
CA GLY A 258 7.00 15.30 -4.83
C GLY A 258 7.04 16.49 -5.78
N LYS A 259 7.03 16.20 -7.07
CA LYS A 259 7.40 17.19 -8.08
C LYS A 259 6.27 17.54 -9.05
N SER A 260 5.53 16.52 -9.46
CA SER A 260 4.33 16.70 -10.27
C SER A 260 3.13 16.90 -9.38
N SER A 261 2.63 18.12 -9.35
CA SER A 261 1.38 18.41 -8.66
C SER A 261 0.22 17.52 -9.14
N LEU A 262 0.16 17.23 -10.44
CA LEU A 262 -0.98 16.43 -10.94
C LEU A 262 -0.56 15.27 -11.84
N ILE A 263 -1.10 14.07 -11.55
CA ILE A 263 -0.82 12.86 -12.32
C ILE A 263 -2.11 12.20 -12.82
N ILE A 264 -2.08 11.73 -14.08
CA ILE A 264 -3.20 11.01 -14.69
C ILE A 264 -2.84 9.63 -15.19
N TRP A 265 -3.64 8.63 -14.80
CA TRP A 265 -3.62 7.32 -15.43
C TRP A 265 -4.78 7.22 -16.41
N PRO A 266 -4.55 6.55 -17.55
CA PRO A 266 -5.52 6.59 -18.64
C PRO A 266 -6.77 5.74 -18.37
N GLU A 267 -7.52 5.43 -19.43
CA GLU A 267 -8.81 4.78 -19.28
C GLU A 267 -8.73 3.37 -18.68
N SER A 268 -9.54 3.18 -17.63
CA SER A 268 -9.56 1.96 -16.84
C SER A 268 -8.17 1.38 -16.67
N ALA A 269 -7.22 2.23 -16.31
CA ALA A 269 -5.84 1.82 -16.12
C ALA A 269 -5.80 0.74 -15.06
N ILE A 270 -6.49 1.00 -13.96
CA ILE A 270 -6.74 -0.01 -12.94
C ILE A 270 -7.83 -0.94 -13.46
N THR A 271 -7.41 -2.08 -13.98
CA THR A 271 -8.34 -3.01 -14.61
C THR A 271 -8.95 -4.00 -13.64
N ASP A 272 -9.75 -3.49 -12.71
CA ASP A 272 -10.48 -4.31 -11.74
C ASP A 272 -11.50 -3.37 -11.10
N LEU A 273 -12.45 -3.92 -10.34
CA LEU A 273 -13.44 -3.10 -9.67
C LEU A 273 -12.86 -2.28 -8.50
N GLU A 274 -13.35 -1.05 -8.40
CA GLU A 274 -12.91 -0.13 -7.37
C GLU A 274 -13.00 -0.77 -5.97
N ILE A 275 -14.18 -1.31 -5.68
CA ILE A 275 -14.49 -1.91 -4.39
C ILE A 275 -13.56 -3.09 -4.12
N ASN A 276 -13.07 -3.74 -5.18
CA ASN A 276 -12.06 -4.80 -5.04
C ASN A 276 -10.65 -4.22 -4.98
N GLN A 277 -10.51 -2.91 -5.11
CA GLN A 277 -9.17 -2.32 -5.02
C GLN A 277 -9.03 -1.32 -3.89
N GLN A 278 -9.98 -1.37 -2.96
CA GLN A 278 -9.95 -0.50 -1.78
C GLN A 278 -8.61 -0.38 -1.02
N PRO A 279 -7.93 -1.50 -0.70
CA PRO A 279 -6.68 -1.30 0.04
C PRO A 279 -5.60 -0.59 -0.79
N PHE A 280 -5.43 -1.03 -2.03
CA PHE A 280 -4.50 -0.37 -2.94
C PHE A 280 -4.82 1.14 -3.09
N LEU A 281 -6.10 1.46 -3.28
CA LEU A 281 -6.46 2.87 -3.51
C LEU A 281 -6.25 3.69 -2.25
N LYS A 282 -6.51 3.10 -1.09
CA LYS A 282 -6.33 3.84 0.17
C LYS A 282 -4.87 4.04 0.50
N VAL A 283 -4.04 3.07 0.23
CA VAL A 283 -2.63 3.24 0.55
C VAL A 283 -2.05 4.27 -0.41
N LEU A 284 -2.38 4.11 -1.68
CA LEU A 284 -1.92 5.01 -2.74
C LEU A 284 -2.32 6.45 -2.46
N ASP A 285 -3.58 6.62 -2.06
CA ASP A 285 -4.12 7.91 -1.65
C ASP A 285 -3.37 8.50 -0.46
N GLY A 286 -3.08 7.65 0.54
CA GLY A 286 -2.35 8.07 1.72
C GLY A 286 -0.95 8.55 1.41
N GLU A 287 -0.23 7.76 0.62
CA GLU A 287 1.10 8.14 0.18
C GLU A 287 1.06 9.44 -0.66
N LEU A 288 -0.01 9.60 -1.43
CA LEU A 288 -0.16 10.78 -2.25
C LEU A 288 -0.35 12.02 -1.36
N ARG A 289 -1.33 11.99 -0.45
CA ARG A 289 -1.58 13.14 0.40
C ARG A 289 -0.37 13.44 1.25
N ASP A 290 0.42 12.42 1.58
CA ASP A 290 1.66 12.67 2.31
C ASP A 290 2.68 13.43 1.45
N LYS A 291 2.86 13.01 0.20
CA LYS A 291 3.93 13.61 -0.60
C LYS A 291 3.47 14.90 -1.26
N GLY A 292 2.17 15.21 -1.13
CA GLY A 292 1.62 16.44 -1.66
C GLY A 292 1.17 16.43 -3.12
N SER A 293 0.92 15.23 -3.66
CA SER A 293 0.49 15.08 -5.05
C SER A 293 -0.95 14.60 -5.18
N SER A 294 -1.41 14.58 -6.43
CA SER A 294 -2.79 14.23 -6.75
C SER A 294 -2.83 13.21 -7.89
N LEU A 295 -3.85 12.36 -7.88
CA LEU A 295 -3.99 11.36 -8.92
C LEU A 295 -5.39 11.34 -9.51
N VAL A 296 -5.44 11.19 -10.83
CA VAL A 296 -6.67 10.97 -11.57
C VAL A 296 -6.50 9.71 -12.37
N THR A 297 -7.42 8.75 -12.25
CA THR A 297 -7.22 7.49 -12.95
C THR A 297 -8.50 6.83 -13.38
N GLY A 298 -8.40 6.09 -14.48
CA GLY A 298 -9.46 5.22 -14.93
C GLY A 298 -9.49 3.98 -14.06
N ILE A 299 -10.66 3.36 -14.01
CA ILE A 299 -10.96 2.19 -13.20
C ILE A 299 -12.42 1.84 -13.48
N VAL A 300 -12.87 0.67 -13.06
CA VAL A 300 -14.25 0.26 -13.26
C VAL A 300 -15.01 0.25 -11.93
N ASP A 301 -16.29 0.57 -11.95
CA ASP A 301 -17.09 0.54 -10.73
C ASP A 301 -18.39 -0.21 -10.93
N ALA A 302 -18.57 -1.27 -10.15
CA ALA A 302 -19.87 -1.92 -10.09
C ALA A 302 -20.57 -1.42 -8.84
N ARG A 303 -21.64 -0.66 -9.05
CA ARG A 303 -22.41 -0.10 -7.94
C ARG A 303 -23.75 -0.84 -7.77
N LEU A 304 -24.35 -0.69 -6.59
CA LEU A 304 -25.61 -1.34 -6.31
C LEU A 304 -26.77 -0.35 -6.42
N TYR A 310 -26.84 -3.99 -9.58
CA TYR A 310 -25.69 -4.45 -10.35
C TYR A 310 -25.42 -3.60 -11.62
N ASP A 311 -25.17 -2.31 -11.42
CA ASP A 311 -24.83 -1.39 -12.52
C ASP A 311 -23.32 -1.16 -12.63
N THR A 312 -22.75 -1.40 -13.81
CA THR A 312 -21.31 -1.25 -14.01
C THR A 312 -20.94 0.01 -14.82
N TYR A 313 -20.11 0.86 -14.23
CA TYR A 313 -19.75 2.15 -14.83
C TYR A 313 -18.27 2.25 -15.22
N ASN A 314 -17.98 2.73 -16.43
CA ASN A 314 -16.62 3.11 -16.81
C ASN A 314 -16.28 4.47 -16.21
N THR A 315 -15.25 4.51 -15.37
CA THR A 315 -15.15 5.54 -14.34
C THR A 315 -13.78 6.22 -14.20
N ILE A 316 -13.80 7.51 -13.85
CA ILE A 316 -12.63 8.19 -13.34
C ILE A 316 -12.84 8.45 -11.87
N ILE A 317 -11.86 8.08 -11.05
CA ILE A 317 -11.89 8.40 -9.61
C ILE A 317 -10.72 9.31 -9.24
N THR A 318 -10.75 9.83 -8.02
CA THR A 318 -9.79 10.84 -7.59
C THR A 318 -9.12 10.54 -6.24
N LEU A 319 -7.81 10.81 -6.18
CA LEU A 319 -7.01 10.50 -5.00
C LEU A 319 -5.95 11.57 -4.79
N GLY A 320 -5.49 11.71 -3.54
CA GLY A 320 -4.32 12.52 -3.25
C GLY A 320 -4.60 13.89 -2.68
N LYS A 321 -3.60 14.76 -2.76
CA LYS A 321 -3.68 16.11 -2.22
C LYS A 321 -4.90 16.87 -2.71
N GLY A 322 -5.67 17.37 -1.76
CA GLY A 322 -6.86 18.15 -2.08
C GLY A 322 -7.93 17.32 -2.75
N ALA A 323 -7.81 16.01 -2.60
CA ALA A 323 -8.77 15.08 -3.19
C ALA A 323 -8.68 13.69 -2.56
N PRO A 324 -8.97 13.60 -1.25
CA PRO A 324 -8.81 12.32 -0.55
C PRO A 324 -9.75 11.25 -1.11
N TYR A 325 -9.24 10.04 -1.34
CA TYR A 325 -10.03 8.99 -1.97
C TYR A 325 -11.15 8.48 -1.06
N SER A 326 -12.30 8.20 -1.66
CA SER A 326 -13.38 7.49 -0.97
C SER A 326 -14.32 6.88 -1.97
N TYR A 327 -14.62 5.60 -1.81
CA TYR A 327 -15.60 4.92 -2.67
C TYR A 327 -16.95 5.62 -2.63
N GLU A 328 -17.15 6.49 -1.63
CA GLU A 328 -18.40 7.21 -1.52
C GLU A 328 -18.25 8.68 -1.92
N SER A 329 -17.06 9.06 -2.39
CA SER A 329 -16.82 10.42 -2.86
C SER A 329 -17.64 10.73 -4.10
N ALA A 330 -17.94 12.01 -4.30
CA ALA A 330 -18.59 12.51 -5.50
C ALA A 330 -17.61 12.96 -6.57
N ASP A 331 -16.34 13.05 -6.21
CA ASP A 331 -15.35 13.60 -7.07
C ASP A 331 -14.99 12.50 -8.01
N ARG A 332 -15.97 12.12 -8.81
CA ARG A 332 -15.80 11.08 -9.77
C ARG A 332 -16.60 11.35 -11.02
N TYR A 333 -16.19 10.72 -12.10
CA TYR A 333 -16.85 10.88 -13.38
C TYR A 333 -17.22 9.51 -13.91
N ASN A 334 -18.37 9.44 -14.58
CA ASN A 334 -18.83 8.22 -15.22
C ASN A 334 -19.12 8.47 -16.70
N LYS A 335 -18.62 7.60 -17.55
CA LYS A 335 -18.83 7.69 -18.99
C LYS A 335 -20.31 7.76 -19.28
N ASN A 336 -20.69 8.70 -20.16
CA ASN A 336 -22.08 8.87 -20.52
C ASN A 336 -22.41 8.21 -21.85
N HIS A 337 -21.56 8.44 -22.85
CA HIS A 337 -21.91 8.00 -24.18
C HIS A 337 -21.43 6.60 -24.47
N LEU A 338 -22.39 5.70 -24.67
CA LEU A 338 -22.15 4.34 -25.13
C LEU A 338 -22.50 4.21 -26.60
N VAL A 339 -21.75 3.34 -27.29
CA VAL A 339 -22.12 2.83 -28.61
C VAL A 339 -23.49 2.12 -28.48
N PRO A 340 -24.34 2.22 -29.47
CA PRO A 340 -25.73 1.84 -29.31
C PRO A 340 -25.91 0.42 -28.86
N PHE A 341 -24.97 -0.42 -29.25
CA PHE A 341 -24.79 -1.73 -28.71
C PHE A 341 -23.57 -1.60 -27.80
N GLY A 342 -23.08 -2.73 -27.35
CA GLY A 342 -21.73 -2.78 -26.83
C GLY A 342 -21.39 -1.99 -25.61
N GLU A 343 -20.11 -1.68 -25.51
CA GLU A 343 -19.45 -1.28 -24.30
C GLU A 343 -19.65 -2.30 -23.18
N PHE A 344 -18.94 -3.39 -23.35
CA PHE A 344 -18.69 -4.36 -22.29
C PHE A 344 -17.25 -4.42 -21.87
N VAL A 345 -17.01 -5.14 -20.79
CA VAL A 345 -15.65 -5.43 -20.34
C VAL A 345 -15.14 -6.64 -21.06
N PRO A 346 -14.01 -6.50 -21.78
CA PRO A 346 -13.43 -7.65 -22.50
C PRO A 346 -13.22 -8.82 -21.55
N LEU A 347 -13.48 -10.02 -22.04
CA LEU A 347 -13.33 -11.21 -21.20
C LEU A 347 -11.87 -11.56 -20.95
N GLU A 348 -11.66 -12.59 -20.14
CA GLU A 348 -10.34 -13.17 -19.96
C GLU A 348 -9.87 -13.75 -21.27
N SER A 349 -8.57 -13.65 -21.52
CA SER A 349 -7.97 -14.17 -22.75
C SER A 349 -8.39 -15.61 -23.07
N ILE A 350 -8.36 -16.48 -22.06
CA ILE A 350 -8.70 -17.88 -22.26
C ILE A 350 -10.18 -18.04 -22.56
N LEU A 351 -10.98 -17.03 -22.21
CA LEU A 351 -12.43 -17.08 -22.43
C LEU A 351 -12.86 -16.48 -23.76
N ARG A 352 -11.99 -15.67 -24.37
CA ARG A 352 -12.36 -15.01 -25.64
C ARG A 352 -12.48 -15.93 -26.87
N PRO A 353 -11.69 -17.02 -26.94
CA PRO A 353 -11.95 -17.91 -28.07
C PRO A 353 -13.21 -18.76 -27.91
N LEU A 354 -13.69 -18.93 -26.67
CA LEU A 354 -14.79 -19.86 -26.41
C LEU A 354 -16.17 -19.23 -26.49
N ALA A 355 -16.23 -17.89 -26.40
CA ALA A 355 -17.49 -17.16 -26.28
C ALA A 355 -18.57 -17.53 -27.32
N PRO A 356 -18.23 -17.53 -28.63
CA PRO A 356 -19.27 -17.89 -29.60
C PRO A 356 -19.85 -19.29 -29.39
N PHE A 357 -19.04 -20.21 -28.89
CA PHE A 357 -19.48 -21.58 -28.70
C PHE A 357 -20.03 -21.77 -27.29
N PRO A 361 -21.54 -14.91 -20.98
CA PRO A 361 -22.28 -13.68 -20.69
C PRO A 361 -21.39 -12.58 -20.12
N MET A 362 -21.33 -11.44 -20.81
CA MET A 362 -20.44 -10.36 -20.41
C MET A 362 -21.15 -9.32 -19.56
N SER A 363 -20.37 -8.46 -18.89
CA SER A 363 -20.93 -7.33 -18.19
C SER A 363 -20.97 -6.09 -19.09
N SER A 364 -22.17 -5.56 -19.32
CA SER A 364 -22.32 -4.36 -20.14
C SER A 364 -22.43 -3.11 -19.26
N PHE A 365 -22.23 -1.95 -19.87
CA PHE A 365 -22.16 -0.71 -19.10
C PHE A 365 -23.49 -0.02 -18.94
N SER A 366 -23.63 0.70 -17.84
CA SER A 366 -24.68 1.68 -17.65
C SER A 366 -24.10 3.07 -17.90
N ARG A 367 -24.97 4.02 -18.25
CA ARG A 367 -24.54 5.39 -18.55
C ARG A 367 -24.42 6.24 -17.31
N GLY A 368 -23.37 7.07 -17.26
CA GLY A 368 -23.29 8.13 -16.29
C GLY A 368 -24.13 9.32 -16.75
N PRO A 369 -24.24 10.35 -15.89
CA PRO A 369 -25.07 11.53 -16.19
C PRO A 369 -24.57 12.32 -17.40
N TYR A 370 -25.50 12.85 -18.19
CA TYR A 370 -25.15 13.71 -19.33
C TYR A 370 -24.33 14.89 -18.85
N ILE A 371 -24.71 15.39 -17.67
CA ILE A 371 -24.02 16.51 -17.06
C ILE A 371 -23.41 16.10 -15.75
N GLN A 372 -22.09 16.16 -15.68
CA GLN A 372 -21.40 15.84 -14.44
C GLN A 372 -20.41 16.93 -14.13
N PRO A 373 -20.46 17.43 -12.91
CA PRO A 373 -19.55 18.46 -12.38
C PRO A 373 -18.11 18.17 -12.69
N PRO A 374 -17.27 19.21 -12.77
CA PRO A 374 -15.84 18.96 -12.91
C PRO A 374 -15.31 18.07 -11.80
N LEU A 375 -14.22 17.36 -12.05
CA LEU A 375 -13.46 16.72 -10.99
C LEU A 375 -12.71 17.80 -10.24
N SER A 376 -12.70 17.70 -8.91
CA SER A 376 -11.93 18.63 -8.09
C SER A 376 -10.64 17.93 -7.68
N VAL A 377 -9.50 18.59 -7.84
CA VAL A 377 -8.27 17.87 -7.49
C VAL A 377 -7.06 18.79 -7.32
N ASN A 378 -6.55 18.84 -6.09
CA ASN A 378 -5.45 19.73 -5.75
C ASN A 378 -5.81 21.20 -6.09
N GLY A 379 -7.09 21.52 -5.90
CA GLY A 379 -7.58 22.86 -6.18
C GLY A 379 -7.63 23.17 -7.67
N ILE A 380 -7.74 22.10 -8.48
CA ILE A 380 -7.89 22.19 -9.93
C ILE A 380 -9.28 21.70 -10.35
N GLU A 381 -9.93 22.43 -11.24
CA GLU A 381 -11.18 21.96 -11.85
C GLU A 381 -10.93 21.30 -13.20
N LEU A 382 -11.47 20.09 -13.35
CA LEU A 382 -11.26 19.29 -14.56
C LEU A 382 -12.57 18.86 -15.19
N THR A 383 -12.84 19.35 -16.40
CA THR A 383 -14.03 18.90 -17.10
C THR A 383 -13.70 17.65 -17.89
N ALA A 384 -14.15 16.51 -17.39
CA ALA A 384 -13.69 15.22 -17.90
C ALA A 384 -14.62 14.70 -18.99
N ALA A 385 -14.07 13.86 -19.85
CA ALA A 385 -14.81 13.17 -20.89
C ALA A 385 -14.03 11.91 -21.24
N ILE A 386 -14.69 10.76 -21.24
CA ILE A 386 -13.93 9.53 -21.42
C ILE A 386 -13.89 9.07 -22.86
N CYS A 387 -12.66 8.92 -23.35
CA CYS A 387 -12.43 8.26 -24.62
C CYS A 387 -13.17 8.97 -25.74
N TYR A 388 -14.08 8.24 -26.38
CA TYR A 388 -14.89 8.71 -27.51
C TYR A 388 -15.64 10.00 -27.25
N GLU A 389 -16.03 10.22 -26.00
CA GLU A 389 -16.86 11.37 -25.65
C GLU A 389 -16.23 12.69 -26.04
N ILE A 390 -14.89 12.71 -26.12
CA ILE A 390 -14.17 13.94 -26.43
C ILE A 390 -14.45 14.46 -27.85
N ILE A 391 -15.10 13.66 -28.70
CA ILE A 391 -15.45 14.12 -30.05
C ILE A 391 -16.83 14.77 -30.07
N LEU A 392 -17.59 14.63 -28.99
CA LEU A 392 -18.91 15.23 -28.90
C LEU A 392 -18.87 16.69 -28.39
N GLY A 393 -18.63 17.62 -29.32
CA GLY A 393 -18.39 19.02 -28.97
C GLY A 393 -19.45 19.65 -28.08
N GLU A 394 -20.69 19.30 -28.38
CA GLU A 394 -21.83 19.82 -27.65
C GLU A 394 -21.80 19.31 -26.22
N GLN A 395 -21.74 17.98 -26.05
CA GLN A 395 -21.73 17.36 -24.71
C GLN A 395 -20.59 17.89 -23.84
N VAL A 396 -19.39 17.92 -24.41
CA VAL A 396 -18.27 18.53 -23.70
C VAL A 396 -18.56 19.99 -23.28
N ARG A 397 -19.12 20.76 -24.22
CA ARG A 397 -19.49 22.17 -23.99
C ARG A 397 -20.48 22.32 -22.83
N ASP A 398 -21.52 21.49 -22.81
CA ASP A 398 -22.48 21.49 -21.72
C ASP A 398 -21.85 21.15 -20.36
N ASN A 399 -20.96 20.16 -20.33
CA ASN A 399 -20.34 19.80 -19.06
C ASN A 399 -19.31 20.83 -18.62
N PHE A 400 -18.87 21.66 -19.56
CA PHE A 400 -17.88 22.72 -19.29
C PHE A 400 -18.43 23.79 -18.34
N ARG A 401 -17.57 24.32 -17.48
CA ARG A 401 -17.96 25.36 -16.54
C ARG A 401 -17.01 26.56 -16.61
N PRO A 402 -17.52 27.77 -16.34
CA PRO A 402 -16.64 28.95 -16.37
C PRO A 402 -15.40 28.78 -15.48
N ASP A 403 -15.56 28.09 -14.35
CA ASP A 403 -14.44 27.92 -13.43
C ASP A 403 -13.50 26.77 -13.80
N THR A 404 -13.89 25.95 -14.79
CA THR A 404 -13.05 24.86 -15.30
C THR A 404 -11.66 25.32 -15.69
N ASP A 405 -10.64 24.67 -15.14
CA ASP A 405 -9.27 25.04 -15.42
C ASP A 405 -8.70 24.24 -16.57
N TYR A 406 -9.08 22.97 -16.66
CA TYR A 406 -8.61 22.13 -17.77
C TYR A 406 -9.67 21.18 -18.31
N LEU A 407 -9.54 20.84 -19.58
CA LEU A 407 -10.27 19.70 -20.14
C LEU A 407 -9.53 18.37 -19.87
N LEU A 408 -10.24 17.37 -19.37
CA LEU A 408 -9.61 16.07 -19.19
C LEU A 408 -10.22 15.04 -20.10
N THR A 409 -9.37 14.28 -20.76
CA THR A 409 -9.87 13.07 -21.40
C THR A 409 -8.83 11.96 -21.32
N ILE A 410 -9.32 10.76 -21.04
CA ILE A 410 -8.46 9.59 -20.94
C ILE A 410 -9.03 8.50 -21.85
N SER A 411 -8.16 7.87 -22.61
CA SER A 411 -8.61 6.83 -23.51
C SER A 411 -7.67 5.63 -23.63
N ASN A 412 -8.26 4.54 -24.10
CA ASN A 412 -7.51 3.38 -24.53
C ASN A 412 -7.73 3.21 -26.01
N ASP A 413 -6.79 3.68 -26.82
CA ASP A 413 -6.94 3.57 -28.28
C ASP A 413 -6.19 2.34 -28.83
N ALA A 414 -5.85 1.40 -27.96
CA ALA A 414 -5.00 0.30 -28.36
C ALA A 414 -5.75 -0.71 -29.24
N TRP A 415 -7.07 -0.58 -29.27
CA TRP A 415 -7.92 -1.43 -30.10
C TRP A 415 -7.56 -1.37 -31.59
N PHE A 416 -6.90 -0.31 -32.03
CA PHE A 416 -6.68 -0.08 -33.47
C PHE A 416 -5.24 0.29 -33.79
N GLY A 417 -4.28 -0.42 -33.25
CA GLY A 417 -2.93 0.06 -33.35
C GLY A 417 -2.41 0.23 -34.75
N LYS A 418 -1.77 1.36 -34.96
CA LYS A 418 -1.03 1.63 -36.17
C LYS A 418 -1.94 2.11 -37.25
N SER A 419 -3.22 2.13 -36.97
CA SER A 419 -4.18 2.66 -37.90
C SER A 419 -4.23 4.16 -37.80
N ILE A 420 -4.91 4.78 -38.74
CA ILE A 420 -5.27 6.16 -38.65
C ILE A 420 -6.32 6.49 -37.58
N GLY A 421 -7.08 5.52 -37.10
CA GLY A 421 -8.08 5.74 -36.08
C GLY A 421 -7.62 6.61 -34.92
N PRO A 422 -6.56 6.17 -34.22
CA PRO A 422 -5.99 6.97 -33.13
C PRO A 422 -5.72 8.44 -33.52
N TRP A 423 -5.06 8.66 -34.65
CA TRP A 423 -4.75 10.04 -35.05
C TRP A 423 -6.01 10.86 -35.34
N GLN A 424 -7.05 10.21 -35.86
CA GLN A 424 -8.29 10.94 -36.13
C GLN A 424 -8.94 11.37 -34.82
N HIS A 425 -8.96 10.44 -33.88
CA HIS A 425 -9.45 10.72 -32.53
C HIS A 425 -8.70 11.93 -31.89
N PHE A 426 -7.36 11.83 -31.87
CA PHE A 426 -6.49 12.91 -31.40
C PHE A 426 -6.88 14.27 -31.96
N GLN A 427 -6.94 14.32 -33.29
CA GLN A 427 -7.26 15.57 -34.00
C GLN A 427 -8.56 16.15 -33.49
N MET A 428 -9.63 15.35 -33.51
CA MET A 428 -10.90 15.83 -32.98
C MET A 428 -10.85 16.28 -31.51
N ALA A 429 -10.00 15.63 -30.72
CA ALA A 429 -9.80 16.05 -29.34
C ALA A 429 -9.21 17.45 -29.23
N ARG A 430 -8.21 17.76 -30.06
CA ARG A 430 -7.64 19.12 -30.06
C ARG A 430 -8.71 20.23 -30.18
N MET A 431 -9.73 19.95 -30.99
CA MET A 431 -10.77 20.91 -31.28
C MET A 431 -11.58 21.31 -30.06
N ARG A 432 -11.59 20.47 -29.03
CA ARG A 432 -12.24 20.86 -27.79
C ARG A 432 -11.49 22.01 -27.09
N ALA A 433 -10.18 21.84 -27.05
CA ALA A 433 -9.30 22.85 -26.50
C ALA A 433 -9.49 24.15 -27.27
N LEU A 434 -9.38 24.10 -28.59
CA LEU A 434 -9.62 25.31 -29.39
C LEU A 434 -10.99 25.95 -29.16
N GLU A 435 -12.03 25.13 -29.17
CA GLU A 435 -13.40 25.61 -28.98
C GLU A 435 -13.60 26.33 -27.67
N LEU A 436 -13.04 25.80 -26.59
CA LEU A 436 -13.39 26.33 -25.26
C LEU A 436 -12.29 27.17 -24.64
N ALA A 437 -11.17 27.31 -25.34
CA ALA A 437 -10.01 28.06 -24.87
C ALA A 437 -9.43 27.53 -23.55
N ARG A 438 -9.48 26.21 -23.36
CA ARG A 438 -8.84 25.58 -22.21
C ARG A 438 -7.77 24.61 -22.69
N PRO A 439 -6.67 24.48 -21.93
CA PRO A 439 -5.76 23.39 -22.26
C PRO A 439 -6.46 22.04 -22.10
N LEU A 440 -6.09 21.07 -22.93
CA LEU A 440 -6.62 19.72 -22.84
C LEU A 440 -5.54 18.73 -22.38
N LEU A 441 -5.86 17.99 -21.33
CA LEU A 441 -4.97 16.93 -20.85
C LEU A 441 -5.49 15.62 -21.37
N ARG A 442 -4.73 15.05 -22.30
CA ARG A 442 -5.11 13.85 -23.01
C ARG A 442 -4.23 12.67 -22.57
N SER A 443 -4.75 11.79 -21.71
CA SER A 443 -3.96 10.63 -21.27
C SER A 443 -4.40 9.31 -21.91
N THR A 444 -3.46 8.57 -22.48
CA THR A 444 -3.80 7.30 -23.13
C THR A 444 -3.01 6.08 -22.66
N ASN A 445 -3.61 4.90 -22.82
CA ASN A 445 -2.94 3.61 -22.58
C ASN A 445 -1.70 3.47 -23.47
N ASN A 446 -1.93 3.26 -24.76
CA ASN A 446 -0.85 3.27 -25.75
C ASN A 446 -1.06 4.35 -26.78
N GLY A 447 -2.24 4.97 -26.74
CA GLY A 447 -2.68 5.93 -27.75
C GLY A 447 -1.83 7.17 -27.78
N ILE A 448 -2.32 8.21 -28.43
CA ILE A 448 -1.58 9.48 -28.41
C ILE A 448 -1.81 10.22 -27.10
N THR A 449 -0.77 10.27 -26.28
CA THR A 449 -0.78 11.04 -25.04
C THR A 449 -0.20 12.43 -25.27
N ALA A 450 -0.89 13.45 -24.80
CA ALA A 450 -0.48 14.82 -25.13
C ALA A 450 -1.16 15.86 -24.27
N VAL A 451 -0.52 17.02 -24.21
CA VAL A 451 -1.05 18.26 -23.67
C VAL A 451 -1.29 19.24 -24.81
N ILE A 452 -2.55 19.68 -24.94
CA ILE A 452 -2.96 20.57 -26.00
C ILE A 452 -3.27 21.95 -25.45
N GLY A 453 -2.82 23.00 -26.13
CA GLY A 453 -3.04 24.38 -25.71
C GLY A 453 -4.47 24.88 -25.74
N PRO A 454 -4.72 26.11 -25.23
CA PRO A 454 -6.08 26.67 -25.27
C PRO A 454 -6.50 27.12 -26.67
N GLN A 455 -5.65 26.88 -27.67
CA GLN A 455 -6.01 27.16 -29.06
C GLN A 455 -5.83 25.95 -29.97
N GLY A 456 -5.80 24.76 -29.37
CA GLY A 456 -5.73 23.51 -30.11
C GLY A 456 -4.33 23.10 -30.52
N GLU A 457 -3.34 23.92 -30.20
CA GLU A 457 -1.97 23.60 -30.53
C GLU A 457 -1.47 22.44 -29.67
N ILE A 458 -0.49 21.70 -30.16
CA ILE A 458 0.03 20.58 -29.40
C ILE A 458 1.22 21.09 -28.61
N GLN A 459 1.00 21.34 -27.33
CA GLN A 459 2.06 21.84 -26.46
C GLN A 459 3.08 20.77 -26.15
N ALA A 460 2.62 19.57 -25.79
CA ALA A 460 3.57 18.48 -25.55
C ALA A 460 2.98 17.17 -25.97
N MET A 461 3.81 16.25 -26.45
CA MET A 461 3.29 14.97 -26.92
C MET A 461 4.33 13.88 -26.75
N ILE A 462 3.90 12.64 -26.54
CA ILE A 462 4.84 11.51 -26.54
C ILE A 462 4.42 10.42 -27.54
N PRO A 463 5.43 9.77 -28.15
CA PRO A 463 5.26 8.64 -29.07
C PRO A 463 4.34 7.57 -28.52
N GLN A 464 3.64 6.91 -29.42
CA GLN A 464 2.68 5.87 -29.08
C GLN A 464 3.44 4.56 -29.03
N PHE A 465 2.76 3.49 -28.61
CA PHE A 465 3.34 2.15 -28.57
C PHE A 465 4.61 2.09 -27.68
N THR A 466 4.68 3.03 -26.72
CA THR A 466 5.75 3.12 -25.73
C THR A 466 5.15 3.17 -24.33
N ARG A 467 5.77 2.44 -23.41
CA ARG A 467 5.58 2.66 -21.97
C ARG A 467 6.37 3.90 -21.56
N GLU A 468 5.70 4.95 -21.10
CA GLU A 468 6.39 6.23 -20.92
C GLU A 468 5.53 7.25 -20.20
N VAL A 469 6.16 8.21 -19.56
CA VAL A 469 5.41 9.24 -18.87
C VAL A 469 5.56 10.54 -19.64
N LEU A 470 4.50 11.32 -19.73
CA LEU A 470 4.67 12.67 -20.24
C LEU A 470 4.72 13.58 -19.06
N THR A 471 5.79 14.37 -18.95
CA THR A 471 5.89 15.31 -17.84
C THR A 471 6.22 16.71 -18.37
N THR A 472 5.38 17.68 -18.01
CA THR A 472 5.57 19.03 -18.51
C THR A 472 4.82 20.04 -17.66
N ASN A 473 5.02 21.32 -17.97
CA ASN A 473 4.36 22.37 -17.24
C ASN A 473 3.10 22.82 -17.94
N VAL A 474 2.02 22.99 -17.19
CA VAL A 474 0.77 23.43 -17.78
C VAL A 474 0.19 24.62 -17.03
N THR A 475 -0.29 25.58 -17.82
CA THR A 475 -0.86 26.84 -17.38
C THR A 475 -2.34 26.91 -17.73
N PRO A 476 -3.22 26.93 -16.72
CA PRO A 476 -4.65 26.91 -17.05
C PRO A 476 -5.12 28.27 -17.49
N THR A 477 -6.37 28.36 -17.98
CA THR A 477 -6.90 29.61 -18.54
C THR A 477 -8.37 29.80 -18.14
N THR A 478 -8.84 31.05 -18.16
CA THR A 478 -10.21 31.37 -17.73
C THR A 478 -10.94 32.27 -18.76
N GLY A 479 -12.25 32.38 -18.60
CA GLY A 479 -13.03 33.23 -19.49
C GLY A 479 -13.74 32.47 -20.59
N LEU A 480 -14.94 32.92 -20.91
CA LEU A 480 -15.79 32.21 -21.85
C LEU A 480 -15.51 32.57 -23.30
N THR A 481 -15.89 31.67 -24.20
CA THR A 481 -15.89 31.93 -25.64
C THR A 481 -17.33 32.12 -26.07
N PRO A 482 -17.55 32.81 -27.20
CA PRO A 482 -18.92 32.83 -27.72
C PRO A 482 -19.52 31.42 -27.76
N TYR A 483 -18.77 30.46 -28.29
CA TYR A 483 -19.26 29.08 -28.41
C TYR A 483 -19.52 28.47 -27.04
N ALA A 484 -18.69 28.81 -26.05
CA ALA A 484 -18.94 28.38 -24.69
C ALA A 484 -20.32 28.84 -24.24
N ARG A 485 -20.61 30.12 -24.50
CA ARG A 485 -21.86 30.74 -24.06
C ARG A 485 -23.10 30.20 -24.79
N THR A 486 -22.98 29.96 -26.08
CA THR A 486 -24.15 29.71 -26.91
C THR A 486 -24.32 28.26 -27.34
N GLY A 487 -23.22 27.61 -27.66
CA GLY A 487 -23.28 26.26 -28.16
C GLY A 487 -23.68 26.30 -29.63
N ASN A 488 -24.75 25.60 -29.98
CA ASN A 488 -25.10 25.39 -31.38
C ASN A 488 -26.09 26.37 -32.02
N TRP A 489 -26.96 26.97 -31.21
CA TRP A 489 -28.12 27.65 -31.76
C TRP A 489 -27.85 28.87 -32.66
N PRO A 490 -26.71 29.59 -32.51
CA PRO A 490 -26.54 30.61 -33.56
C PRO A 490 -26.39 29.99 -34.94
N LEU A 491 -25.55 28.97 -35.05
CA LEU A 491 -25.39 28.24 -36.30
C LEU A 491 -26.69 27.58 -36.71
N TRP A 492 -27.54 27.26 -35.74
CA TRP A 492 -28.83 26.68 -36.11
C TRP A 492 -29.77 27.73 -36.69
N VAL A 493 -29.69 28.95 -36.15
CA VAL A 493 -30.47 30.06 -36.66
C VAL A 493 -30.02 30.39 -38.08
N LEU A 494 -28.71 30.48 -38.27
CA LEU A 494 -28.16 30.69 -39.60
C LEU A 494 -28.69 29.60 -40.54
N THR A 495 -28.71 28.37 -40.03
CA THR A 495 -29.17 27.25 -40.86
C THR A 495 -30.64 27.39 -41.25
N ALA A 496 -31.49 27.76 -40.30
CA ALA A 496 -32.92 27.86 -40.53
C ALA A 496 -33.22 28.97 -41.53
N LEU A 497 -32.58 30.13 -41.31
CA LEU A 497 -32.58 31.21 -42.29
C LEU A 497 -32.27 30.71 -43.68
N PHE A 498 -31.10 30.07 -43.82
CA PHE A 498 -30.64 29.56 -45.12
C PHE A 498 -31.57 28.56 -45.78
N GLY A 499 -32.19 27.70 -44.98
CA GLY A 499 -33.01 26.62 -45.51
C GLY A 499 -34.39 27.10 -45.91
N PHE A 500 -35.02 27.86 -45.01
CA PHE A 500 -36.32 28.43 -45.35
C PHE A 500 -36.19 29.40 -46.52
N ALA A 501 -35.08 30.12 -46.63
CA ALA A 501 -34.84 30.90 -47.83
C ALA A 501 -34.61 29.95 -49.01
N ALA A 502 -34.01 28.80 -48.74
CA ALA A 502 -33.70 27.82 -49.77
C ALA A 502 -34.95 27.16 -50.34
N VAL A 503 -36.08 27.34 -49.68
CA VAL A 503 -37.33 26.97 -50.33
C VAL A 503 -37.89 28.21 -51.10
N LEU A 504 -37.42 28.33 -52.33
CA LEU A 504 -37.96 29.24 -53.32
C LEU A 504 -38.66 28.38 -54.37
N ARG B 9 29.70 -7.34 64.92
CA ARG B 9 28.29 -7.75 65.06
C ARG B 9 27.24 -7.03 64.19
N GLN B 10 26.00 -7.08 64.65
CA GLN B 10 24.80 -6.92 63.81
C GLN B 10 24.80 -5.81 62.73
N ARG B 11 25.13 -4.57 63.07
CA ARG B 11 25.16 -3.53 62.05
C ARG B 11 26.29 -3.77 61.04
N ILE B 12 27.41 -4.30 61.51
CA ILE B 12 28.49 -4.74 60.63
C ILE B 12 27.98 -5.86 59.71
N ARG B 13 27.15 -6.73 60.26
CA ARG B 13 26.57 -7.78 59.44
C ARG B 13 25.57 -7.27 58.38
N LEU B 14 24.84 -6.18 58.66
CA LEU B 14 23.92 -5.61 57.68
C LEU B 14 24.66 -4.85 56.60
N LEU B 15 25.69 -4.09 56.98
CA LEU B 15 26.52 -3.47 55.97
C LEU B 15 27.14 -4.52 55.03
N LEU B 16 27.68 -5.58 55.64
CA LEU B 16 28.23 -6.67 54.86
C LEU B 16 27.18 -7.33 53.94
N ALA B 17 25.99 -7.59 54.47
CA ALA B 17 24.93 -8.21 53.69
C ALA B 17 24.57 -7.33 52.48
N LEU B 18 24.43 -6.04 52.71
CA LEU B 18 24.24 -5.08 51.63
C LEU B 18 25.32 -5.28 50.58
N LEU B 19 26.58 -5.34 51.01
CA LEU B 19 27.63 -5.47 49.98
C LEU B 19 27.70 -6.83 49.23
N PHE B 20 27.49 -7.95 49.91
CA PHE B 20 27.55 -9.24 49.20
C PHE B 20 26.34 -9.35 48.26
N GLY B 21 25.19 -8.88 48.73
CA GLY B 21 24.00 -8.74 47.91
C GLY B 21 24.23 -7.91 46.65
N ALA B 22 24.77 -6.71 46.77
CA ALA B 22 25.02 -5.95 45.56
C ALA B 22 26.04 -6.70 44.70
N CYS B 23 27.00 -7.37 45.32
CA CYS B 23 27.96 -8.14 44.56
C CYS B 23 27.22 -9.13 43.67
N GLY B 24 26.06 -9.58 44.13
CA GLY B 24 25.19 -10.42 43.32
C GLY B 24 24.94 -9.95 41.90
N THR B 25 24.68 -8.65 41.74
CA THR B 25 24.38 -8.06 40.45
C THR B 25 25.45 -8.33 39.38
N LEU B 26 26.72 -8.32 39.75
CA LEU B 26 27.80 -8.56 38.79
C LEU B 26 27.80 -9.96 38.14
N ALA B 27 26.98 -10.87 38.65
CA ALA B 27 26.91 -12.19 38.02
C ALA B 27 26.17 -12.06 36.70
N PHE B 28 25.13 -11.25 36.70
CA PHE B 28 24.31 -11.09 35.51
C PHE B 28 24.94 -10.12 34.50
N SER B 29 24.32 -10.03 33.33
CA SER B 29 24.82 -9.20 32.24
C SER B 29 24.42 -7.74 32.46
N PRO B 30 25.26 -6.79 31.99
CA PRO B 30 26.42 -6.99 31.10
C PRO B 30 27.75 -7.36 31.76
N TYR B 31 27.76 -7.67 33.05
CA TYR B 31 29.03 -7.91 33.69
C TYR B 31 29.52 -9.34 33.43
N ASP B 32 28.58 -10.29 33.45
CA ASP B 32 28.88 -11.69 33.14
C ASP B 32 30.04 -12.27 33.94
N VAL B 33 30.05 -12.02 35.25
CA VAL B 33 31.01 -12.67 36.12
C VAL B 33 30.28 -13.74 36.91
N TRP B 34 30.20 -14.96 36.40
CA TRP B 34 29.32 -15.94 37.01
C TRP B 34 29.71 -16.37 38.46
N PRO B 35 31.01 -16.39 38.82
CA PRO B 35 31.25 -16.80 40.22
C PRO B 35 30.79 -15.79 41.28
N ALA B 36 30.53 -14.56 40.87
CA ALA B 36 29.98 -13.56 41.76
C ALA B 36 28.64 -14.02 42.35
N ALA B 37 27.98 -14.94 41.66
CA ALA B 37 26.74 -15.48 42.19
C ALA B 37 27.03 -16.34 43.40
N ILE B 38 28.17 -17.02 43.33
CA ILE B 38 28.62 -17.88 44.42
C ILE B 38 29.08 -17.01 45.59
N ILE B 39 29.95 -16.04 45.31
CA ILE B 39 30.42 -15.12 46.35
C ILE B 39 29.24 -14.48 47.06
N SER B 40 28.24 -14.06 46.30
CA SER B 40 27.09 -13.39 46.90
C SER B 40 26.25 -14.36 47.73
N LEU B 41 26.06 -15.58 47.21
CA LEU B 41 25.22 -16.55 47.90
C LEU B 41 25.85 -17.07 49.21
N MET B 42 27.17 -17.24 49.20
CA MET B 42 27.82 -17.70 50.41
C MET B 42 27.99 -16.54 51.35
N GLY B 43 28.02 -15.32 50.79
CA GLY B 43 27.90 -14.09 51.58
C GLY B 43 26.63 -14.20 52.40
N LEU B 44 25.51 -14.44 51.74
CA LEU B 44 24.22 -14.58 52.42
C LEU B 44 24.28 -15.65 53.50
N GLN B 45 24.67 -16.86 53.07
CA GLN B 45 24.60 -18.03 53.94
C GLN B 45 25.54 -17.97 55.18
N ALA B 46 26.69 -17.34 54.99
CA ALA B 46 27.66 -17.18 56.05
C ALA B 46 27.20 -16.08 57.02
N LEU B 47 26.88 -14.90 56.47
CA LEU B 47 26.49 -13.80 57.34
C LEU B 47 25.20 -14.09 58.12
N THR B 48 24.47 -15.16 57.78
CA THR B 48 23.34 -15.55 58.63
C THR B 48 23.69 -16.62 59.69
N PHE B 49 24.96 -17.03 59.74
CA PHE B 49 25.37 -17.98 60.78
C PHE B 49 25.33 -17.35 62.16
N ASN B 50 24.88 -18.12 63.15
CA ASN B 50 24.92 -17.69 64.54
C ASN B 50 24.15 -16.39 64.79
N ARG B 51 22.83 -16.48 64.77
CA ARG B 51 21.95 -15.30 64.78
C ARG B 51 20.58 -15.62 65.35
N ARG B 52 20.02 -14.65 66.05
CA ARG B 52 18.61 -14.71 66.41
C ARG B 52 17.82 -14.54 65.10
N PRO B 53 16.87 -15.45 64.85
CA PRO B 53 15.96 -15.52 63.70
C PRO B 53 15.62 -14.18 63.06
N LEU B 54 15.25 -13.20 63.88
CA LEU B 54 14.86 -11.90 63.39
C LEU B 54 16.05 -11.09 62.87
N GLN B 55 17.18 -11.14 63.56
CA GLN B 55 18.37 -10.45 63.06
C GLN B 55 18.86 -11.10 61.76
N SER B 56 18.68 -12.42 61.67
CA SER B 56 18.99 -13.12 60.43
C SER B 56 18.07 -12.61 59.32
N ALA B 57 16.77 -12.49 59.62
CA ALA B 57 15.82 -11.92 58.66
C ALA B 57 16.28 -10.54 58.19
N ALA B 58 16.70 -9.69 59.10
CA ALA B 58 17.23 -8.39 58.69
C ALA B 58 18.46 -8.52 57.81
N ILE B 59 19.22 -9.59 58.00
CA ILE B 59 20.42 -9.76 57.18
C ILE B 59 20.06 -10.25 55.76
N GLY B 60 19.01 -11.08 55.68
CA GLY B 60 18.53 -11.60 54.43
C GLY B 60 17.95 -10.44 53.67
N PHE B 61 17.29 -9.56 54.42
CA PHE B 61 16.67 -8.36 53.87
C PHE B 61 17.74 -7.43 53.34
N GLY B 62 18.77 -7.16 54.13
CA GLY B 62 19.86 -6.30 53.67
C GLY B 62 20.60 -6.86 52.47
N TRP B 63 20.73 -8.18 52.43
CA TRP B 63 21.30 -8.88 51.28
C TRP B 63 20.47 -8.64 50.01
N GLY B 64 19.18 -8.96 50.10
CA GLY B 64 18.22 -8.66 49.07
C GLY B 64 18.31 -7.21 48.60
N PHE B 65 18.28 -6.30 49.54
CA PHE B 65 18.27 -4.91 49.22
C PHE B 65 19.54 -4.52 48.50
N GLY B 66 20.64 -5.13 48.86
CA GLY B 66 21.86 -4.92 48.14
C GLY B 66 21.76 -5.40 46.71
N LEU B 67 21.16 -6.55 46.49
CA LEU B 67 21.03 -7.06 45.16
C LEU B 67 20.05 -6.34 44.27
N PHE B 68 18.84 -6.22 44.74
CA PHE B 68 17.82 -5.58 43.97
C PHE B 68 18.09 -4.11 43.81
N GLY B 69 18.51 -3.50 44.89
CA GLY B 69 18.77 -2.10 44.88
C GLY B 69 19.83 -1.85 43.88
N SER B 70 20.82 -2.69 43.82
CA SER B 70 21.85 -2.44 42.81
C SER B 70 21.50 -3.00 41.41
N GLY B 71 20.41 -3.75 41.29
CA GLY B 71 20.23 -4.63 40.15
C GLY B 71 18.97 -4.45 39.34
N ILE B 72 17.92 -3.92 39.96
CA ILE B 72 16.70 -3.62 39.26
C ILE B 72 16.28 -2.17 39.42
N ASN B 73 17.20 -1.25 39.69
CA ASN B 73 16.75 0.13 39.87
C ASN B 73 16.71 0.84 38.54
N TRP B 74 16.93 0.09 37.47
CA TRP B 74 16.83 0.63 36.13
C TRP B 74 15.38 0.90 35.82
N VAL B 75 14.48 0.32 36.60
CA VAL B 75 13.05 0.61 36.43
C VAL B 75 12.79 2.10 36.61
N TYR B 76 13.61 2.73 37.47
CA TYR B 76 13.62 4.18 37.60
C TYR B 76 13.68 4.86 36.24
N VAL B 77 14.59 4.40 35.37
CA VAL B 77 14.85 5.08 34.11
C VAL B 77 13.58 5.15 33.27
N SER B 78 12.74 4.12 33.39
CA SER B 78 11.44 4.13 32.74
C SER B 78 10.45 5.04 33.44
N ILE B 79 10.26 4.79 34.74
CA ILE B 79 9.21 5.46 35.47
C ILE B 79 9.40 6.99 35.57
N ALA B 80 10.64 7.44 35.35
CA ALA B 80 11.05 8.84 35.51
C ALA B 80 11.19 9.60 34.19
N THR B 81 11.23 8.88 33.07
CA THR B 81 11.20 9.51 31.75
C THR B 81 9.78 9.43 31.19
N PHE B 82 8.98 8.51 31.72
CA PHE B 82 7.67 8.27 31.09
C PHE B 82 6.51 8.18 32.09
N GLY B 83 6.80 8.23 33.39
CA GLY B 83 5.76 8.16 34.39
C GLY B 83 5.02 9.47 34.60
N GLY B 84 5.77 10.57 34.59
CA GLY B 84 5.20 11.90 34.73
C GLY B 84 5.13 12.40 36.16
N MET B 85 5.35 11.47 37.10
CA MET B 85 5.31 11.75 38.53
C MET B 85 6.53 12.58 38.98
N PRO B 86 6.43 13.26 40.14
CA PRO B 86 7.43 14.25 40.60
C PRO B 86 8.90 13.85 40.48
N GLY B 87 9.38 12.99 41.36
CA GLY B 87 10.79 12.61 41.38
C GLY B 87 11.14 11.90 42.69
N PRO B 88 10.94 12.60 43.81
CA PRO B 88 10.98 11.92 45.11
C PRO B 88 10.01 10.72 45.12
N VAL B 89 8.86 10.86 44.46
CA VAL B 89 7.88 9.76 44.34
C VAL B 89 8.40 8.58 43.49
N ASN B 90 9.06 8.90 42.38
CA ASN B 90 9.76 7.89 41.57
C ASN B 90 10.76 7.07 42.41
N ILE B 91 11.68 7.78 43.07
CA ILE B 91 12.69 7.09 43.89
C ILE B 91 12.00 6.27 44.99
N PHE B 92 10.96 6.85 45.57
CA PHE B 92 10.17 6.11 46.56
C PHE B 92 9.65 4.78 45.98
N LEU B 93 9.16 4.83 44.76
CA LEU B 93 8.60 3.63 44.14
C LEU B 93 9.68 2.56 43.82
N VAL B 94 10.85 3.00 43.36
CA VAL B 94 11.99 2.10 43.16
C VAL B 94 12.42 1.41 44.47
N VAL B 95 12.77 2.22 45.48
CA VAL B 95 13.18 1.72 46.78
C VAL B 95 12.12 0.77 47.34
N LEU B 96 10.86 1.14 47.15
CA LEU B 96 9.73 0.34 47.60
C LEU B 96 9.77 -1.02 46.93
N LEU B 97 10.06 -1.03 45.63
CA LEU B 97 10.10 -2.29 44.88
C LEU B 97 11.23 -3.18 45.39
N ALA B 98 12.44 -2.60 45.48
CA ALA B 98 13.59 -3.35 45.99
C ALA B 98 13.29 -3.94 47.37
N ALA B 99 12.65 -3.17 48.24
CA ALA B 99 12.35 -3.65 49.59
C ALA B 99 11.31 -4.77 49.58
N TYR B 100 10.29 -4.58 48.75
CA TYR B 100 9.23 -5.57 48.63
C TYR B 100 9.86 -6.89 48.23
N LEU B 101 10.79 -6.81 47.27
CA LEU B 101 11.46 -8.00 46.77
C LEU B 101 12.31 -8.61 47.86
N SER B 102 12.94 -7.73 48.65
CA SER B 102 13.85 -8.13 49.73
C SER B 102 13.14 -8.81 50.90
N LEU B 103 11.83 -8.62 51.00
CA LEU B 103 11.04 -9.35 51.98
C LEU B 103 11.16 -10.87 51.82
N TYR B 104 11.50 -11.31 50.61
CA TYR B 104 11.57 -12.73 50.32
C TYR B 104 12.91 -13.30 50.72
N THR B 105 13.98 -12.57 50.44
CA THR B 105 15.30 -12.98 50.90
C THR B 105 15.35 -12.97 52.44
N GLY B 106 14.92 -11.86 53.03
CA GLY B 106 14.75 -11.78 54.48
C GLY B 106 13.88 -12.90 55.04
N LEU B 107 12.80 -13.25 54.34
CA LEU B 107 11.92 -14.32 54.82
C LEU B 107 12.67 -15.64 54.82
N PHE B 108 13.34 -15.93 53.70
CA PHE B 108 14.23 -17.07 53.59
C PHE B 108 15.18 -17.20 54.79
N ALA B 109 15.93 -16.13 55.06
CA ALA B 109 16.97 -16.15 56.09
C ALA B 109 16.34 -16.30 57.48
N GLY B 110 15.22 -15.61 57.68
CA GLY B 110 14.42 -15.75 58.87
C GLY B 110 14.01 -17.19 59.15
N VAL B 111 13.26 -17.80 58.25
CA VAL B 111 12.81 -19.18 58.45
C VAL B 111 13.97 -20.15 58.63
N LEU B 112 15.00 -20.01 57.80
CA LEU B 112 16.21 -20.82 57.92
C LEU B 112 16.79 -20.75 59.34
N SER B 113 16.90 -19.54 59.89
CA SER B 113 17.40 -19.43 61.26
C SER B 113 16.44 -19.97 62.32
N ARG B 114 15.14 -19.69 62.17
CA ARG B 114 14.19 -20.22 63.15
C ARG B 114 14.21 -21.76 63.20
N LEU B 115 14.29 -22.43 62.05
CA LEU B 115 14.14 -23.89 62.04
C LEU B 115 15.44 -24.69 62.05
N TRP B 116 16.53 -24.07 61.66
CA TRP B 116 17.82 -24.74 61.61
C TRP B 116 18.90 -23.86 62.20
N PRO B 117 18.86 -23.70 63.58
CA PRO B 117 19.82 -22.70 64.09
C PRO B 117 21.31 -22.93 63.94
N LYS B 118 21.76 -24.16 64.07
CA LYS B 118 23.17 -24.43 64.09
C LYS B 118 23.86 -24.40 62.75
N THR B 119 25.15 -24.11 62.74
CA THR B 119 25.90 -24.06 61.52
C THR B 119 26.26 -25.47 61.06
N THR B 120 25.32 -26.13 60.41
CA THR B 120 25.42 -27.53 60.02
C THR B 120 25.04 -27.83 58.57
N TRP B 121 25.76 -28.72 57.95
CA TRP B 121 25.60 -29.05 56.54
C TRP B 121 24.14 -29.30 56.22
N LEU B 122 23.36 -29.72 57.21
CA LEU B 122 21.93 -29.91 57.03
C LEU B 122 21.34 -28.57 56.59
N ARG B 123 21.71 -27.52 57.31
CA ARG B 123 21.24 -26.17 57.03
C ARG B 123 21.74 -25.68 55.67
N VAL B 124 23.05 -25.71 55.45
CA VAL B 124 23.57 -25.02 54.27
C VAL B 124 23.26 -25.79 52.97
N ALA B 125 23.25 -27.12 53.01
CA ALA B 125 23.08 -27.90 51.78
C ALA B 125 21.77 -28.66 51.65
N ILE B 126 20.96 -28.80 52.70
CA ILE B 126 19.69 -29.50 52.52
C ILE B 126 18.50 -28.60 52.80
N ALA B 127 18.55 -27.88 53.91
CA ALA B 127 17.51 -26.92 54.25
C ALA B 127 17.45 -25.80 53.20
N ALA B 128 18.57 -25.10 53.05
CA ALA B 128 18.62 -23.87 52.27
C ALA B 128 18.20 -23.96 50.80
N PRO B 129 18.67 -24.98 50.03
CA PRO B 129 18.28 -24.88 48.62
C PRO B 129 16.78 -25.11 48.43
N ALA B 130 16.19 -25.99 49.23
CA ALA B 130 14.75 -26.19 49.22
C ALA B 130 14.02 -24.92 49.66
N LEU B 131 14.48 -24.32 50.75
CA LEU B 131 13.85 -23.08 51.19
C LEU B 131 13.89 -22.03 50.07
N TRP B 132 15.09 -21.64 49.66
CA TRP B 132 15.35 -20.76 48.52
C TRP B 132 14.49 -21.05 47.29
N GLN B 133 14.29 -22.32 46.99
CA GLN B 133 13.39 -22.66 45.91
C GLN B 133 11.98 -22.18 46.26
N VAL B 134 11.53 -22.44 47.49
CA VAL B 134 10.18 -22.01 47.84
C VAL B 134 10.01 -20.48 47.88
N THR B 135 10.98 -19.76 48.42
CA THR B 135 10.86 -18.33 48.56
C THR B 135 11.05 -17.63 47.20
N GLU B 136 11.93 -18.15 46.35
CA GLU B 136 12.06 -17.57 45.02
C GLU B 136 10.78 -17.84 44.25
N PHE B 137 10.20 -19.02 44.48
CA PHE B 137 8.91 -19.28 43.87
C PHE B 137 7.90 -18.22 44.28
N LEU B 138 7.79 -18.00 45.60
CA LEU B 138 6.85 -16.98 46.08
C LEU B 138 7.13 -15.65 45.39
N ARG B 139 8.40 -15.27 45.34
CA ARG B 139 8.80 -14.00 44.74
C ARG B 139 8.34 -13.91 43.30
N GLY B 140 8.35 -15.04 42.61
CA GLY B 140 7.93 -15.08 41.21
C GLY B 140 6.45 -15.34 40.99
N TRP B 141 5.70 -15.54 42.06
CA TRP B 141 4.29 -15.91 41.95
C TRP B 141 3.31 -14.91 42.58
N VAL B 142 3.68 -14.37 43.74
CA VAL B 142 2.84 -13.41 44.44
C VAL B 142 2.65 -12.16 43.60
N LEU B 143 1.39 -11.73 43.46
CA LEU B 143 1.03 -10.54 42.68
C LEU B 143 1.50 -10.66 41.22
N THR B 144 1.27 -11.84 40.64
CA THR B 144 1.68 -12.23 39.27
C THR B 144 3.19 -12.41 39.16
N GLY B 145 3.92 -11.99 40.18
CA GLY B 145 5.33 -12.32 40.31
C GLY B 145 6.34 -11.36 39.72
N PHE B 146 7.58 -11.49 40.19
CA PHE B 146 8.71 -10.77 39.59
C PHE B 146 10.03 -11.50 39.81
N PRO B 147 10.29 -12.55 39.03
CA PRO B 147 11.48 -13.35 39.32
C PRO B 147 12.78 -12.80 38.78
N TRP B 148 13.04 -11.51 38.91
CA TRP B 148 14.28 -10.99 38.36
C TRP B 148 15.46 -11.42 39.22
N LEU B 149 16.56 -11.74 38.56
CA LEU B 149 17.84 -12.06 39.21
C LEU B 149 17.81 -13.36 40.04
N GLN B 150 17.47 -14.44 39.35
CA GLN B 150 17.73 -15.79 39.77
C GLN B 150 19.12 -16.14 39.27
N PHE B 151 20.00 -16.60 40.16
CA PHE B 151 21.40 -16.67 39.81
C PHE B 151 21.67 -17.67 38.69
N GLY B 152 20.70 -18.54 38.45
CA GLY B 152 20.85 -19.57 37.44
C GLY B 152 21.13 -19.04 36.05
N TYR B 153 20.50 -17.91 35.71
CA TYR B 153 20.74 -17.30 34.42
C TYR B 153 22.19 -16.85 34.26
N SER B 154 22.91 -16.73 35.38
CA SER B 154 24.33 -16.38 35.32
C SER B 154 25.16 -17.52 34.75
N GLN B 155 24.59 -18.73 34.72
CA GLN B 155 25.33 -19.88 34.22
C GLN B 155 25.13 -20.14 32.72
N ILE B 156 24.56 -19.19 31.99
CA ILE B 156 24.23 -19.39 30.56
C ILE B 156 25.50 -19.71 29.76
N ASP B 157 26.63 -19.14 30.17
CA ASP B 157 27.91 -19.37 29.51
C ASP B 157 28.92 -20.01 30.45
N GLY B 158 28.45 -20.75 31.45
CA GLY B 158 29.37 -21.36 32.39
C GLY B 158 29.31 -22.87 32.33
N PRO B 159 29.99 -23.52 33.24
CA PRO B 159 29.60 -24.87 33.62
C PRO B 159 28.28 -24.82 34.30
N LEU B 160 27.58 -25.92 34.32
CA LEU B 160 26.26 -26.00 34.91
C LEU B 160 25.24 -25.34 34.05
N LYS B 161 25.55 -25.14 32.79
CA LYS B 161 24.55 -24.82 31.79
C LYS B 161 23.84 -26.07 31.37
N GLY B 162 24.54 -27.18 31.52
CA GLY B 162 24.17 -28.47 31.00
C GLY B 162 22.91 -28.90 31.64
N LEU B 163 22.60 -28.26 32.75
CA LEU B 163 21.60 -28.72 33.66
C LEU B 163 20.26 -28.17 33.32
N ALA B 164 20.28 -27.11 32.56
CA ALA B 164 19.03 -26.44 32.22
C ALA B 164 18.14 -27.22 31.22
N PRO B 165 18.74 -27.85 30.19
CA PRO B 165 17.79 -28.67 29.43
C PRO B 165 17.34 -29.95 30.15
N ILE B 166 17.96 -30.28 31.29
CA ILE B 166 17.50 -31.46 32.04
C ILE B 166 16.41 -31.09 33.05
N MET B 167 16.66 -30.07 33.86
CA MET B 167 15.72 -29.77 34.92
C MET B 167 15.32 -28.31 34.99
N GLY B 168 15.93 -27.47 34.16
CA GLY B 168 15.59 -26.05 34.04
C GLY B 168 16.49 -25.10 34.84
N VAL B 169 16.34 -23.78 34.64
CA VAL B 169 17.20 -22.78 35.29
C VAL B 169 17.14 -22.90 36.82
N GLU B 170 15.95 -23.19 37.33
CA GLU B 170 15.77 -23.26 38.78
C GLU B 170 16.60 -24.38 39.43
N ALA B 171 16.92 -25.44 38.68
CA ALA B 171 17.83 -26.46 39.18
C ALA B 171 19.19 -25.85 39.37
N ILE B 172 19.56 -24.90 38.51
CA ILE B 172 20.84 -24.24 38.62
C ILE B 172 20.82 -23.25 39.79
N ASN B 173 19.69 -22.59 40.02
CA ASN B 173 19.55 -21.75 41.22
C ASN B 173 19.83 -22.64 42.45
N PHE B 174 19.15 -23.77 42.47
CA PHE B 174 19.22 -24.77 43.56
C PHE B 174 20.64 -25.23 43.82
N LEU B 175 21.32 -25.58 42.74
CA LEU B 175 22.69 -26.05 42.84
C LEU B 175 23.62 -24.94 43.30
N LEU B 176 23.41 -23.72 42.80
CA LEU B 176 24.24 -22.61 43.24
C LEU B 176 24.08 -22.32 44.74
N MET B 177 22.85 -22.42 45.24
CA MET B 177 22.64 -22.23 46.67
C MET B 177 23.28 -23.36 47.51
N MET B 178 23.06 -24.62 47.09
CA MET B 178 23.69 -25.77 47.76
C MET B 178 25.21 -25.59 47.83
N VAL B 179 25.84 -25.60 46.68
CA VAL B 179 27.29 -25.42 46.58
C VAL B 179 27.78 -24.23 47.41
N SER B 180 27.18 -23.06 47.18
CA SER B 180 27.65 -21.83 47.82
C SER B 180 27.56 -21.96 49.35
N GLY B 181 26.49 -22.59 49.82
CA GLY B 181 26.38 -22.93 51.23
C GLY B 181 27.48 -23.81 51.77
N LEU B 182 27.68 -24.99 51.17
CA LEU B 182 28.79 -25.86 51.61
C LEU B 182 30.10 -25.08 51.65
N LEU B 183 30.32 -24.21 50.67
CA LEU B 183 31.51 -23.36 50.67
C LEU B 183 31.54 -22.39 51.87
N ALA B 184 30.39 -21.81 52.21
CA ALA B 184 30.33 -20.91 53.35
C ALA B 184 30.71 -21.68 54.62
N LEU B 185 30.08 -22.84 54.78
CA LEU B 185 30.34 -23.78 55.87
C LEU B 185 31.83 -24.12 56.00
N ALA B 186 32.38 -24.70 54.94
CA ALA B 186 33.81 -24.97 54.83
C ALA B 186 34.63 -23.77 55.29
N LEU B 187 34.26 -22.59 54.83
CA LEU B 187 35.07 -21.40 55.14
C LEU B 187 35.02 -21.01 56.62
N VAL B 188 33.84 -20.95 57.22
CA VAL B 188 33.77 -20.48 58.61
C VAL B 188 34.12 -21.58 59.65
N LYS B 189 34.06 -22.84 59.23
CA LYS B 189 34.40 -23.95 60.10
C LYS B 189 35.83 -24.43 59.86
N ARG B 190 36.46 -23.87 58.84
CA ARG B 190 37.81 -24.24 58.44
C ARG B 190 37.88 -25.75 58.35
N ASN B 191 37.01 -26.31 57.51
CA ASN B 191 36.83 -27.75 57.37
C ASN B 191 36.74 -28.15 55.90
N TRP B 192 37.51 -29.18 55.52
CA TRP B 192 37.67 -29.53 54.12
C TRP B 192 36.60 -30.49 53.62
N ARG B 193 35.89 -31.14 54.53
CA ARG B 193 34.83 -32.06 54.12
C ARG B 193 33.74 -31.35 53.26
N PRO B 194 33.18 -30.23 53.77
CA PRO B 194 32.14 -29.60 52.94
C PRO B 194 32.73 -28.85 51.74
N LEU B 195 34.00 -28.45 51.80
CA LEU B 195 34.66 -27.92 50.62
C LEU B 195 34.66 -28.97 49.53
N VAL B 196 35.10 -30.18 49.89
CA VAL B 196 35.15 -31.29 48.96
C VAL B 196 33.79 -31.60 48.37
N VAL B 197 32.78 -31.76 49.23
CA VAL B 197 31.43 -32.06 48.74
C VAL B 197 30.91 -30.94 47.81
N ALA B 198 31.23 -29.70 48.16
CA ALA B 198 30.82 -28.57 47.33
C ALA B 198 31.47 -28.61 45.93
N VAL B 199 32.77 -28.88 45.90
CA VAL B 199 33.49 -28.98 44.63
C VAL B 199 32.95 -30.15 43.81
N VAL B 200 32.65 -31.25 44.47
CA VAL B 200 32.18 -32.39 43.73
C VAL B 200 30.83 -32.04 43.12
N LEU B 201 29.87 -31.67 43.96
CA LEU B 201 28.52 -31.36 43.49
C LEU B 201 28.48 -30.25 42.43
N PHE B 202 29.46 -29.35 42.45
CA PHE B 202 29.56 -28.33 41.40
C PHE B 202 30.12 -28.93 40.13
N ALA B 203 31.02 -29.90 40.25
CA ALA B 203 31.72 -30.48 39.08
C ALA B 203 30.96 -31.61 38.37
N LEU B 204 30.13 -32.36 39.09
CA LEU B 204 29.37 -33.45 38.49
C LEU B 204 28.62 -33.07 37.21
N PRO B 205 28.02 -31.85 37.13
CA PRO B 205 27.25 -31.61 35.92
C PRO B 205 28.05 -31.13 34.70
N PHE B 206 29.35 -30.86 34.85
CA PHE B 206 30.14 -30.31 33.74
C PHE B 206 29.96 -31.08 32.41
N PRO B 207 29.96 -32.44 32.44
CA PRO B 207 29.76 -33.10 31.14
C PRO B 207 28.37 -32.93 30.54
N LEU B 208 27.34 -32.56 31.30
CA LEU B 208 26.02 -32.26 30.71
C LEU B 208 26.06 -31.09 29.72
N ARG B 209 27.15 -30.35 29.76
CA ARG B 209 27.36 -29.18 28.92
C ARG B 209 27.42 -29.56 27.45
N TYR B 210 27.70 -30.83 27.18
CA TYR B 210 28.01 -31.25 25.81
C TYR B 210 26.91 -32.06 25.13
N ILE B 211 26.09 -32.78 25.90
CA ILE B 211 24.92 -33.46 25.36
C ILE B 211 24.16 -32.55 24.41
N GLN B 212 23.81 -33.04 23.24
CA GLN B 212 22.91 -32.31 22.35
C GLN B 212 21.58 -33.03 22.29
N TRP B 213 20.55 -32.42 22.87
CA TRP B 213 19.24 -33.05 22.95
C TRP B 213 18.44 -32.89 21.65
N PHE B 214 19.01 -32.18 20.70
CA PHE B 214 18.27 -31.77 19.50
C PHE B 214 18.96 -32.28 18.25
N THR B 215 18.38 -32.00 17.10
CA THR B 215 19.06 -32.27 15.84
C THR B 215 18.81 -31.15 14.86
N PRO B 216 19.90 -30.62 14.27
CA PRO B 216 19.78 -29.62 13.20
C PRO B 216 19.00 -30.16 12.01
N GLN B 217 18.25 -29.30 11.34
CA GLN B 217 17.56 -29.69 10.12
C GLN B 217 17.97 -28.72 9.03
N PRO B 218 19.22 -28.86 8.55
CA PRO B 218 19.86 -27.94 7.61
C PRO B 218 19.05 -27.76 6.33
N GLU B 219 18.18 -28.72 6.04
CA GLU B 219 17.38 -28.68 4.82
C GLU B 219 16.27 -27.66 4.97
N LYS B 220 16.10 -27.15 6.20
CA LYS B 220 15.10 -26.12 6.46
C LYS B 220 15.73 -24.77 6.81
N THR B 221 17.05 -24.69 6.67
CA THR B 221 17.78 -23.42 6.82
C THR B 221 17.07 -22.32 6.06
N ILE B 222 16.91 -21.15 6.68
CA ILE B 222 16.33 -19.99 6.00
C ILE B 222 17.16 -18.74 6.21
N GLN B 223 16.91 -17.73 5.38
CA GLN B 223 17.39 -16.40 5.69
C GLN B 223 16.29 -15.67 6.45
N VAL B 224 16.72 -15.06 7.56
CA VAL B 224 15.85 -14.33 8.44
C VAL B 224 16.39 -12.92 8.67
N SER B 225 15.48 -11.97 8.61
CA SER B 225 15.76 -10.57 8.93
C SER B 225 14.86 -10.12 10.09
N MET B 226 15.41 -9.30 10.96
CA MET B 226 14.64 -8.67 12.01
C MET B 226 14.92 -7.19 11.91
N VAL B 227 13.87 -6.39 11.76
CA VAL B 227 14.03 -4.94 11.60
C VAL B 227 14.02 -4.23 12.95
N GLN B 228 15.19 -3.76 13.36
CA GLN B 228 15.29 -2.96 14.55
C GLN B 228 15.00 -1.50 14.20
N GLY B 229 13.77 -1.07 14.49
CA GLY B 229 13.23 0.18 13.99
C GLY B 229 13.71 1.44 14.69
N ASP B 230 13.97 1.32 16.00
CA ASP B 230 14.48 2.42 16.81
C ASP B 230 13.59 3.65 16.74
N ILE B 231 12.30 3.43 16.94
CA ILE B 231 11.40 4.54 17.14
C ILE B 231 11.61 5.05 18.57
N PRO B 232 11.79 6.37 18.70
CA PRO B 232 11.97 7.00 20.02
C PRO B 232 10.72 6.82 20.89
N GLN B 233 10.92 6.45 22.15
CA GLN B 233 9.82 6.06 23.02
C GLN B 233 8.80 7.17 23.22
N SER B 234 9.31 8.38 23.42
CA SER B 234 8.47 9.56 23.60
C SER B 234 7.42 9.73 22.49
N LEU B 235 7.82 9.50 21.24
CA LEU B 235 6.95 9.74 20.10
C LEU B 235 6.19 8.51 19.63
N LYS B 236 6.74 7.33 19.92
CA LYS B 236 6.28 6.05 19.39
C LYS B 236 4.78 5.89 19.19
N TRP B 237 4.00 6.48 20.07
CA TRP B 237 2.55 6.34 20.00
C TRP B 237 1.82 7.63 19.61
N ASP B 238 2.56 8.66 19.19
CA ASP B 238 1.91 9.89 18.70
C ASP B 238 1.41 9.68 17.31
N GLU B 239 0.13 9.96 17.09
CA GLU B 239 -0.46 9.88 15.74
C GLU B 239 0.45 10.40 14.62
N GLY B 240 1.17 11.48 14.90
CA GLY B 240 2.10 12.04 13.93
C GLY B 240 3.39 11.25 13.74
N GLN B 241 3.51 10.13 14.42
CA GLN B 241 4.68 9.27 14.28
C GLN B 241 4.38 8.06 13.39
N LEU B 242 3.13 7.61 13.49
CA LEU B 242 2.63 6.41 12.84
C LEU B 242 3.19 6.20 11.44
N LEU B 243 3.00 7.18 10.58
CA LEU B 243 3.36 7.02 9.17
C LEU B 243 4.87 7.00 8.95
N ASN B 244 5.62 7.79 9.71
CA ASN B 244 7.07 7.73 9.62
C ASN B 244 7.52 6.33 10.03
N THR B 245 6.84 5.77 11.01
CA THR B 245 7.15 4.43 11.51
C THR B 245 6.91 3.36 10.44
N LEU B 246 5.70 3.40 9.86
CA LEU B 246 5.34 2.51 8.78
C LEU B 246 6.29 2.64 7.59
N LYS B 247 6.72 3.85 7.26
CA LYS B 247 7.64 3.98 6.13
C LYS B 247 9.02 3.48 6.48
N ILE B 248 9.39 3.61 7.76
CA ILE B 248 10.67 3.13 8.25
C ILE B 248 10.75 1.60 8.13
N TYR B 249 9.71 0.93 8.62
CA TYR B 249 9.72 -0.52 8.59
C TYR B 249 9.54 -1.00 7.16
N TYR B 250 8.57 -0.43 6.45
CA TYR B 250 8.38 -0.83 5.06
C TYR B 250 9.70 -0.72 4.30
N ASN B 251 10.35 0.42 4.38
CA ASN B 251 11.57 0.62 3.61
C ASN B 251 12.74 -0.24 4.06
N ALA B 252 12.82 -0.53 5.36
CA ALA B 252 13.88 -1.42 5.84
C ALA B 252 13.65 -2.83 5.29
N THR B 253 12.37 -3.14 5.11
CA THR B 253 11.91 -4.48 4.78
C THR B 253 11.95 -4.80 3.27
N ALA B 254 11.60 -3.82 2.44
CA ALA B 254 11.43 -4.02 1.00
C ALA B 254 12.63 -4.65 0.27
N PRO B 255 13.86 -4.13 0.50
CA PRO B 255 14.99 -4.77 -0.18
C PRO B 255 15.32 -6.19 0.29
N LEU B 256 14.53 -6.73 1.21
CA LEU B 256 14.79 -8.07 1.73
C LEU B 256 13.79 -9.07 1.14
N MET B 257 12.71 -8.54 0.56
CA MET B 257 11.56 -9.37 0.22
C MET B 257 11.89 -10.53 -0.73
N GLY B 258 12.73 -10.28 -1.72
CA GLY B 258 13.11 -11.37 -2.58
C GLY B 258 13.94 -12.44 -1.89
N LYS B 259 14.54 -12.10 -0.75
CA LYS B 259 15.72 -12.82 -0.28
C LYS B 259 15.62 -13.48 1.11
N SER B 260 14.93 -12.83 2.03
CA SER B 260 14.74 -13.38 3.35
C SER B 260 13.41 -14.10 3.40
N SER B 261 13.46 -15.40 3.63
CA SER B 261 12.23 -16.14 3.75
C SER B 261 11.40 -15.62 4.90
N LEU B 262 12.06 -15.20 5.99
CA LEU B 262 11.32 -14.73 7.17
C LEU B 262 11.75 -13.36 7.68
N ILE B 263 10.78 -12.50 7.98
CA ILE B 263 11.04 -11.16 8.51
C ILE B 263 10.21 -10.87 9.77
N ILE B 264 10.88 -10.28 10.76
CA ILE B 264 10.20 -9.90 12.00
C ILE B 264 10.33 -8.40 12.31
N TRP B 265 9.20 -7.81 12.70
CA TRP B 265 9.17 -6.46 13.26
C TRP B 265 8.89 -6.57 14.77
N PRO B 266 9.51 -5.71 15.59
CA PRO B 266 9.41 -5.82 17.04
C PRO B 266 8.03 -5.55 17.62
N GLU B 267 7.99 -5.46 18.94
CA GLU B 267 6.74 -5.39 19.67
C GLU B 267 5.99 -4.10 19.41
N SER B 268 4.71 -4.28 19.09
CA SER B 268 3.82 -3.21 18.65
C SER B 268 4.55 -2.24 17.72
N ALA B 269 5.18 -2.78 16.69
CA ALA B 269 5.88 -1.95 15.72
C ALA B 269 4.86 -1.05 15.00
N ILE B 270 3.77 -1.68 14.56
CA ILE B 270 2.61 -0.99 14.03
C ILE B 270 1.81 -0.36 15.17
N THR B 271 2.14 0.87 15.52
CA THR B 271 1.51 1.52 16.66
C THR B 271 0.16 2.12 16.33
N ASP B 272 -0.83 1.26 16.08
CA ASP B 272 -2.21 1.67 15.76
C ASP B 272 -3.06 0.41 15.87
N LEU B 273 -4.37 0.54 15.83
CA LEU B 273 -5.24 -0.63 15.86
C LEU B 273 -5.26 -1.35 14.50
N GLU B 274 -5.03 -2.66 14.55
CA GLU B 274 -5.06 -3.52 13.38
C GLU B 274 -6.17 -3.17 12.39
N ILE B 275 -7.36 -3.02 12.97
CA ILE B 275 -8.59 -2.77 12.24
C ILE B 275 -8.57 -1.36 11.59
N ASN B 276 -7.76 -0.45 12.14
CA ASN B 276 -7.48 0.83 11.48
C ASN B 276 -6.33 0.71 10.49
N GLN B 277 -5.71 -0.46 10.41
CA GLN B 277 -4.58 -0.60 9.50
C GLN B 277 -4.81 -1.62 8.40
N GLN B 278 -6.05 -2.09 8.27
CA GLN B 278 -6.39 -3.01 7.17
C GLN B 278 -5.83 -2.69 5.76
N PRO B 279 -5.94 -1.45 5.25
CA PRO B 279 -5.44 -1.36 3.86
C PRO B 279 -3.91 -1.51 3.75
N PHE B 280 -3.19 -0.93 4.69
CA PHE B 280 -1.75 -1.10 4.72
C PHE B 280 -1.40 -2.58 4.92
N LEU B 281 -2.15 -3.28 5.77
CA LEU B 281 -1.82 -4.68 6.05
C LEU B 281 -2.14 -5.57 4.83
N LYS B 282 -3.20 -5.25 4.10
CA LYS B 282 -3.60 -6.08 2.98
C LYS B 282 -2.68 -5.85 1.78
N VAL B 283 -2.31 -4.59 1.57
CA VAL B 283 -1.33 -4.27 0.53
C VAL B 283 -0.02 -4.93 0.86
N LEU B 284 0.46 -4.74 2.09
CA LEU B 284 1.69 -5.41 2.55
C LEU B 284 1.71 -6.94 2.37
N ASP B 285 0.63 -7.57 2.81
CA ASP B 285 0.46 -9.01 2.68
C ASP B 285 0.51 -9.44 1.23
N GLY B 286 -0.12 -8.63 0.36
CA GLY B 286 -0.11 -8.89 -1.06
C GLY B 286 1.29 -8.84 -1.62
N GLU B 287 2.01 -7.76 -1.34
CA GLU B 287 3.36 -7.58 -1.88
C GLU B 287 4.29 -8.70 -1.38
N LEU B 288 4.12 -9.09 -0.12
CA LEU B 288 4.87 -10.21 0.47
C LEU B 288 4.57 -11.51 -0.26
N ARG B 289 3.29 -11.83 -0.43
CA ARG B 289 2.94 -13.09 -1.08
C ARG B 289 3.44 -13.08 -2.50
N ASP B 290 3.54 -11.90 -3.11
CA ASP B 290 4.11 -11.85 -4.46
C ASP B 290 5.59 -12.21 -4.41
N LYS B 291 6.38 -11.46 -3.65
CA LYS B 291 7.82 -11.69 -3.74
C LYS B 291 8.30 -12.94 -3.00
N GLY B 292 7.38 -13.68 -2.37
CA GLY B 292 7.73 -14.94 -1.72
C GLY B 292 8.26 -14.90 -0.28
N SER B 293 8.08 -13.75 0.38
CA SER B 293 8.52 -13.58 1.77
C SER B 293 7.34 -13.66 2.74
N SER B 294 7.67 -13.66 4.03
CA SER B 294 6.67 -13.74 5.08
C SER B 294 6.98 -12.74 6.19
N LEU B 295 5.94 -12.25 6.86
CA LEU B 295 6.18 -11.24 7.90
C LEU B 295 5.51 -11.58 9.22
N VAL B 296 6.25 -11.31 10.29
CA VAL B 296 5.69 -11.37 11.63
C VAL B 296 5.92 -10.01 12.30
N THR B 297 4.85 -9.38 12.75
CA THR B 297 5.00 -8.05 13.37
C THR B 297 4.12 -7.81 14.60
N GLY B 298 4.63 -6.97 15.51
CA GLY B 298 3.84 -6.46 16.61
C GLY B 298 2.79 -5.47 16.13
N ILE B 299 1.68 -5.41 16.88
CA ILE B 299 0.57 -4.51 16.63
C ILE B 299 -0.43 -4.60 17.80
N VAL B 300 -1.35 -3.63 17.88
CA VAL B 300 -2.38 -3.64 18.90
C VAL B 300 -3.71 -4.05 18.32
N ASP B 301 -4.50 -4.85 19.04
CA ASP B 301 -5.81 -5.24 18.53
C ASP B 301 -6.95 -4.98 19.51
N ALA B 302 -7.82 -4.08 19.14
CA ALA B 302 -8.97 -3.88 19.93
C ALA B 302 -10.03 -4.70 19.28
N ARG B 303 -10.12 -5.95 19.69
CA ARG B 303 -11.18 -6.78 19.17
C ARG B 303 -12.35 -6.84 20.10
N LEU B 304 -13.56 -6.92 19.57
CA LEU B 304 -14.74 -6.76 20.41
C LEU B 304 -15.36 -7.81 21.29
N ARG B 309 -16.31 -6.79 22.78
CA ARG B 309 -16.55 -5.34 22.91
C ARG B 309 -15.36 -4.54 23.46
N TYR B 310 -14.31 -4.49 22.65
CA TYR B 310 -13.10 -3.69 22.86
C TYR B 310 -12.28 -4.10 24.10
N ASP B 311 -11.91 -5.38 24.06
CA ASP B 311 -10.72 -5.89 24.71
C ASP B 311 -9.54 -5.51 23.83
N THR B 312 -8.57 -4.81 24.39
CA THR B 312 -7.41 -4.40 23.63
C THR B 312 -6.24 -5.34 23.93
N TYR B 313 -5.68 -5.93 22.87
CA TYR B 313 -4.61 -6.91 23.03
C TYR B 313 -3.29 -6.43 22.47
N ASN B 314 -2.20 -6.82 23.13
CA ASN B 314 -0.86 -6.65 22.56
C ASN B 314 -0.53 -7.91 21.76
N THR B 315 -0.37 -7.74 20.46
CA THR B 315 -0.63 -8.82 19.51
C THR B 315 0.49 -9.02 18.51
N ILE B 316 0.68 -10.26 18.10
CA ILE B 316 1.50 -10.58 16.95
C ILE B 316 0.57 -11.11 15.90
N ILE B 317 0.69 -10.55 14.70
CA ILE B 317 -0.08 -11.04 13.56
C ILE B 317 0.87 -11.52 12.47
N THR B 318 0.31 -12.26 11.51
CA THR B 318 1.12 -12.86 10.46
C THR B 318 0.61 -12.51 9.07
N LEU B 319 1.57 -12.37 8.16
CA LEU B 319 1.37 -11.78 6.86
C LEU B 319 2.25 -12.48 5.86
N GLY B 320 1.80 -12.62 4.61
CA GLY B 320 2.67 -13.06 3.53
C GLY B 320 2.59 -14.53 3.13
N LYS B 321 3.67 -15.03 2.60
CA LYS B 321 3.71 -16.38 2.09
C LYS B 321 3.46 -17.40 3.15
N GLY B 322 2.54 -18.27 2.87
CA GLY B 322 2.19 -19.37 3.74
C GLY B 322 1.46 -18.89 4.94
N ALA B 323 1.13 -17.62 4.95
CA ALA B 323 0.39 -16.99 6.04
C ALA B 323 -0.28 -15.73 5.54
N PRO B 324 -1.40 -15.93 4.71
CA PRO B 324 -1.98 -14.68 4.20
C PRO B 324 -2.68 -13.95 5.31
N TYR B 325 -2.71 -12.63 5.28
CA TYR B 325 -3.32 -11.88 6.35
C TYR B 325 -4.84 -11.83 6.28
N SER B 326 -5.49 -12.21 7.36
CA SER B 326 -6.86 -11.90 7.64
C SER B 326 -7.02 -11.43 9.08
N TYR B 327 -7.86 -10.44 9.29
CA TYR B 327 -8.18 -9.99 10.61
C TYR B 327 -8.92 -11.10 11.33
N GLU B 328 -9.46 -12.03 10.59
CA GLU B 328 -10.15 -13.15 11.18
C GLU B 328 -9.25 -14.35 11.43
N SER B 329 -7.98 -14.22 11.07
CA SER B 329 -7.00 -15.30 11.22
C SER B 329 -6.68 -15.65 12.66
N ALA B 330 -6.44 -16.94 12.91
CA ALA B 330 -6.04 -17.41 14.21
C ALA B 330 -4.54 -17.53 14.34
N ASP B 331 -3.83 -17.27 13.26
CA ASP B 331 -2.41 -17.39 13.24
C ASP B 331 -1.94 -16.10 13.85
N ARG B 332 -2.27 -15.93 15.11
CA ARG B 332 -1.93 -14.73 15.85
C ARG B 332 -1.67 -15.05 17.32
N TYR B 333 -0.88 -14.23 17.98
CA TYR B 333 -0.60 -14.43 19.38
C TYR B 333 -0.97 -13.19 20.19
N ASN B 334 -1.75 -13.37 21.26
CA ASN B 334 -2.06 -12.25 22.16
C ASN B 334 -1.37 -12.39 23.53
N LYS B 335 -0.53 -11.41 23.87
CA LYS B 335 0.17 -11.36 25.15
C LYS B 335 -0.69 -11.79 26.32
N ASN B 336 -0.17 -12.72 27.13
CA ASN B 336 -0.91 -13.28 28.26
C ASN B 336 -0.57 -12.67 29.62
N HIS B 337 0.67 -12.24 29.83
CA HIS B 337 1.11 -11.78 31.15
C HIS B 337 1.24 -10.25 31.26
N LEU B 338 0.45 -9.68 32.17
CA LEU B 338 0.51 -8.25 32.45
C LEU B 338 0.98 -7.98 33.87
N VAL B 339 1.86 -6.98 34.02
CA VAL B 339 2.24 -6.44 35.34
C VAL B 339 0.96 -6.16 36.14
N PRO B 340 0.95 -6.51 37.44
CA PRO B 340 -0.27 -6.54 38.27
C PRO B 340 -1.15 -5.29 38.26
N PHE B 341 -0.56 -4.10 38.18
CA PHE B 341 -1.34 -2.87 38.19
C PHE B 341 -1.89 -2.50 36.79
N GLY B 342 -1.75 -3.41 35.84
CA GLY B 342 -2.29 -3.23 34.51
C GLY B 342 -1.28 -2.67 33.53
N GLU B 343 -1.43 -3.03 32.26
CA GLU B 343 -0.62 -2.42 31.21
C GLU B 343 -1.46 -1.50 30.34
N PHE B 344 -0.88 -0.37 29.94
CA PHE B 344 -1.66 0.63 29.25
C PHE B 344 -0.99 1.05 27.96
N VAL B 345 -1.79 1.60 27.05
CA VAL B 345 -1.24 2.19 25.84
C VAL B 345 -0.75 3.58 26.20
N PRO B 346 0.56 3.81 26.00
CA PRO B 346 1.10 5.14 26.34
C PRO B 346 0.35 6.24 25.59
N LEU B 347 0.17 7.38 26.26
CA LEU B 347 -0.63 8.47 25.71
C LEU B 347 0.11 9.22 24.60
N GLU B 348 -0.60 10.15 23.97
CA GLU B 348 0.02 11.14 23.11
C GLU B 348 0.92 12.03 23.97
N SER B 349 2.10 12.36 23.45
CA SER B 349 3.09 13.00 24.30
C SER B 349 2.67 14.41 24.75
N ILE B 350 1.82 15.07 23.98
CA ILE B 350 1.27 16.35 24.44
C ILE B 350 0.29 16.11 25.60
N LEU B 351 -0.19 14.88 25.74
CA LEU B 351 -1.18 14.54 26.74
C LEU B 351 -0.54 13.98 28.00
N ARG B 352 0.74 13.61 27.91
CA ARG B 352 1.41 12.99 29.05
C ARG B 352 1.76 13.92 30.24
N PRO B 353 2.14 15.19 29.99
CA PRO B 353 2.37 16.04 31.18
C PRO B 353 1.10 16.47 31.92
N LEU B 354 -0.05 16.43 31.27
CA LEU B 354 -1.27 17.00 31.81
C LEU B 354 -2.20 15.99 32.47
N ALA B 355 -1.80 14.71 32.47
CA ALA B 355 -2.63 13.66 33.04
C ALA B 355 -2.77 13.72 34.57
N PRO B 356 -1.65 13.93 35.31
CA PRO B 356 -1.84 14.04 36.76
C PRO B 356 -2.38 15.40 37.22
N PHE B 357 -2.39 16.39 36.33
CA PHE B 357 -2.90 17.72 36.68
C PHE B 357 -4.30 17.96 36.09
N PRO B 361 -7.61 8.72 31.43
CA PRO B 361 -8.34 8.04 30.35
C PRO B 361 -7.42 7.22 29.43
N MET B 362 -6.94 6.08 29.94
CA MET B 362 -6.03 5.24 29.17
C MET B 362 -6.70 3.93 28.79
N SER B 363 -6.17 3.30 27.75
CA SER B 363 -6.64 1.98 27.34
C SER B 363 -5.78 0.89 27.97
N SER B 364 -6.40 -0.02 28.71
CA SER B 364 -5.65 -1.12 29.32
C SER B 364 -5.83 -2.42 28.55
N PHE B 365 -4.81 -3.26 28.62
CA PHE B 365 -4.83 -4.55 27.93
C PHE B 365 -5.65 -5.61 28.62
N SER B 366 -6.27 -6.46 27.81
CA SER B 366 -6.82 -7.72 28.27
C SER B 366 -5.83 -8.84 27.98
N ARG B 367 -5.95 -9.98 28.66
CA ARG B 367 -4.99 -11.06 28.42
C ARG B 367 -5.41 -12.06 27.34
N GLY B 368 -4.44 -12.55 26.59
CA GLY B 368 -4.67 -13.69 25.71
C GLY B 368 -4.59 -14.97 26.52
N PRO B 369 -4.95 -16.11 25.93
CA PRO B 369 -4.93 -17.41 26.62
C PRO B 369 -3.54 -17.77 27.16
N TYR B 370 -3.48 -18.46 28.31
CA TYR B 370 -2.19 -18.94 28.83
C TYR B 370 -1.49 -19.82 27.81
N ILE B 371 -2.24 -20.71 27.16
CA ILE B 371 -1.70 -21.59 26.13
C ILE B 371 -2.22 -21.22 24.75
N GLN B 372 -1.30 -20.89 23.86
CA GLN B 372 -1.66 -20.45 22.53
C GLN B 372 -0.80 -21.21 21.54
N PRO B 373 -1.43 -21.73 20.47
CA PRO B 373 -0.74 -22.51 19.44
C PRO B 373 0.40 -21.72 18.84
N PRO B 374 1.35 -22.41 18.20
CA PRO B 374 2.45 -21.69 17.57
C PRO B 374 1.97 -20.86 16.39
N LEU B 375 2.69 -19.79 16.07
CA LEU B 375 2.45 -19.03 14.86
C LEU B 375 2.95 -19.88 13.70
N SER B 376 2.12 -20.03 12.67
CA SER B 376 2.49 -20.74 11.46
C SER B 376 2.88 -19.78 10.35
N VAL B 377 4.03 -19.98 9.73
CA VAL B 377 4.44 -19.02 8.71
C VAL B 377 5.49 -19.57 7.74
N ASN B 378 5.06 -19.72 6.48
CA ASN B 378 5.89 -20.28 5.41
C ASN B 378 6.41 -21.69 5.76
N GLY B 379 5.56 -22.49 6.39
CA GLY B 379 5.92 -23.83 6.82
C GLY B 379 6.71 -23.86 8.11
N ILE B 380 7.06 -22.68 8.62
CA ILE B 380 7.80 -22.52 9.89
C ILE B 380 6.85 -22.50 11.08
N GLU B 381 7.19 -23.22 12.14
CA GLU B 381 6.44 -23.12 13.40
C GLU B 381 7.22 -22.30 14.42
N LEU B 382 6.53 -21.31 14.99
CA LEU B 382 7.13 -20.36 15.92
C LEU B 382 6.37 -20.30 17.25
N THR B 383 6.99 -20.71 18.35
CA THR B 383 6.37 -20.50 19.65
C THR B 383 6.74 -19.11 20.17
N ALA B 384 5.74 -18.24 20.31
CA ALA B 384 6.00 -16.83 20.59
C ALA B 384 5.75 -16.42 22.03
N ALA B 385 6.56 -15.48 22.50
CA ALA B 385 6.37 -14.87 23.80
C ALA B 385 6.65 -13.38 23.68
N ILE B 386 5.71 -12.55 24.15
CA ILE B 386 5.92 -11.12 23.98
C ILE B 386 6.68 -10.53 25.18
N CYS B 387 7.77 -9.85 24.85
CA CYS B 387 8.43 -8.99 25.79
C CYS B 387 8.89 -9.81 27.01
N TYR B 388 8.37 -9.43 28.18
CA TYR B 388 8.66 -10.02 29.50
C TYR B 388 8.26 -11.50 29.62
N GLU B 389 7.31 -11.94 28.80
CA GLU B 389 6.87 -13.33 28.85
C GLU B 389 8.00 -14.33 28.59
N ILE B 390 9.05 -13.90 27.89
CA ILE B 390 10.18 -14.76 27.60
C ILE B 390 11.01 -15.15 28.85
N ILE B 391 10.73 -14.55 30.00
CA ILE B 391 11.44 -14.92 31.23
C ILE B 391 10.61 -15.90 32.05
N LEU B 392 9.37 -16.13 31.65
CA LEU B 392 8.55 -17.11 32.34
C LEU B 392 8.77 -18.52 31.75
N GLY B 393 9.86 -19.15 32.18
CA GLY B 393 10.33 -20.40 31.61
C GLY B 393 9.31 -21.52 31.59
N GLU B 394 8.48 -21.56 32.63
CA GLU B 394 7.46 -22.57 32.74
C GLU B 394 6.35 -22.27 31.73
N GLN B 395 6.05 -20.99 31.52
CA GLN B 395 4.98 -20.63 30.61
C GLN B 395 5.41 -20.85 29.14
N VAL B 396 6.67 -20.54 28.85
CA VAL B 396 7.21 -20.79 27.52
C VAL B 396 7.26 -22.30 27.28
N ARG B 397 7.71 -23.06 28.28
CA ARG B 397 7.74 -24.51 28.20
C ARG B 397 6.36 -25.05 27.88
N ASP B 398 5.36 -24.64 28.67
CA ASP B 398 3.99 -25.05 28.44
C ASP B 398 3.48 -24.70 27.04
N ASN B 399 3.85 -23.53 26.54
CA ASN B 399 3.38 -23.18 25.21
C ASN B 399 4.08 -23.94 24.07
N PHE B 400 5.32 -24.31 24.30
CA PHE B 400 6.14 -25.02 23.33
C PHE B 400 5.53 -26.38 22.97
N ARG B 401 5.77 -26.80 21.73
CA ARG B 401 5.22 -28.01 21.15
C ARG B 401 6.38 -28.70 20.45
N PRO B 402 6.36 -30.04 20.39
CA PRO B 402 7.49 -30.76 19.78
C PRO B 402 7.78 -30.34 18.34
N ASP B 403 6.76 -30.00 17.56
CA ASP B 403 7.01 -29.61 16.17
C ASP B 403 7.43 -28.13 16.00
N THR B 404 7.57 -27.41 17.11
CA THR B 404 8.07 -26.02 17.11
C THR B 404 9.47 -25.89 16.52
N ASP B 405 9.64 -24.98 15.58
CA ASP B 405 10.93 -24.80 14.93
C ASP B 405 11.76 -23.74 15.63
N TYR B 406 11.11 -22.64 15.98
CA TYR B 406 11.84 -21.56 16.61
C TYR B 406 11.09 -20.97 17.77
N LEU B 407 11.86 -20.46 18.74
CA LEU B 407 11.29 -19.58 19.74
C LEU B 407 11.26 -18.15 19.16
N LEU B 408 10.12 -17.49 19.24
CA LEU B 408 10.03 -16.08 18.84
C LEU B 408 9.79 -15.19 20.04
N THR B 409 10.58 -14.13 20.18
CA THR B 409 10.23 -13.10 21.14
C THR B 409 10.47 -11.70 20.59
N ILE B 410 9.47 -10.84 20.74
CA ILE B 410 9.60 -9.47 20.27
C ILE B 410 9.36 -8.56 21.45
N SER B 411 10.27 -7.62 21.63
CA SER B 411 10.16 -6.71 22.74
C SER B 411 10.47 -5.28 22.29
N ASN B 412 10.10 -4.38 23.18
CA ASN B 412 10.47 -2.98 23.16
C ASN B 412 11.10 -2.67 24.52
N ASP B 413 12.43 -2.61 24.56
CA ASP B 413 13.16 -2.33 25.79
C ASP B 413 13.62 -0.86 25.90
N ALA B 414 13.03 0.03 25.10
CA ALA B 414 13.51 1.40 25.03
C ALA B 414 13.19 2.19 26.30
N TRP B 415 12.18 1.76 27.03
CA TRP B 415 11.77 2.39 28.29
C TRP B 415 12.95 2.66 29.23
N PHE B 416 14.06 1.96 29.01
CA PHE B 416 15.17 1.92 29.93
C PHE B 416 16.55 2.23 29.38
N GLY B 417 16.63 3.05 28.35
CA GLY B 417 17.87 3.63 27.90
C GLY B 417 19.08 2.74 27.91
N LYS B 418 20.08 3.06 28.73
CA LYS B 418 21.25 2.22 28.83
C LYS B 418 21.39 1.49 30.13
N SER B 419 20.28 1.21 30.77
CA SER B 419 20.31 0.47 32.00
C SER B 419 20.81 -0.94 31.76
N ILE B 420 21.28 -1.59 32.80
CA ILE B 420 21.61 -2.97 32.75
C ILE B 420 20.38 -3.80 32.41
N GLY B 421 19.20 -3.26 32.62
CA GLY B 421 17.98 -3.99 32.47
C GLY B 421 17.71 -4.66 31.14
N PRO B 422 17.93 -3.99 30.01
CA PRO B 422 17.97 -4.62 28.69
C PRO B 422 18.85 -5.87 28.66
N TRP B 423 20.05 -5.78 29.24
CA TRP B 423 20.97 -6.91 29.18
C TRP B 423 20.50 -8.08 30.02
N GLN B 424 19.88 -7.79 31.16
CA GLN B 424 19.40 -8.85 32.04
C GLN B 424 18.24 -9.57 31.36
N HIS B 425 17.47 -8.79 30.63
CA HIS B 425 16.34 -9.32 29.87
C HIS B 425 16.85 -10.28 28.76
N PHE B 426 17.78 -9.78 27.95
CA PHE B 426 18.44 -10.57 26.92
C PHE B 426 18.98 -11.91 27.44
N GLN B 427 19.75 -11.79 28.54
CA GLN B 427 20.37 -12.95 29.15
C GLN B 427 19.32 -13.96 29.53
N MET B 428 18.32 -13.53 30.31
CA MET B 428 17.23 -14.44 30.64
C MET B 428 16.55 -15.07 29.43
N ALA B 429 16.44 -14.33 28.32
CA ALA B 429 15.84 -14.85 27.10
C ALA B 429 16.67 -16.03 26.52
N ARG B 430 18.00 -15.88 26.50
CA ARG B 430 18.86 -16.97 26.01
C ARG B 430 18.54 -18.36 26.62
N MET B 431 18.20 -18.35 27.90
CA MET B 431 17.95 -19.56 28.65
C MET B 431 16.75 -20.33 28.14
N ARG B 432 15.84 -19.66 27.45
CA ARG B 432 14.74 -20.40 26.85
C ARG B 432 15.25 -21.32 25.73
N ALA B 433 16.16 -20.75 24.95
CA ALA B 433 16.80 -21.43 23.86
C ALA B 433 17.56 -22.62 24.41
N LEU B 434 18.39 -22.39 25.41
CA LEU B 434 19.10 -23.51 26.03
C LEU B 434 18.17 -24.60 26.61
N GLU B 435 17.16 -24.20 27.39
CA GLU B 435 16.24 -25.16 28.00
C GLU B 435 15.51 -26.02 26.98
N LEU B 436 15.08 -25.43 25.87
CA LEU B 436 14.20 -26.15 24.96
C LEU B 436 14.92 -26.63 23.71
N ALA B 437 16.22 -26.37 23.63
CA ALA B 437 17.02 -26.78 22.47
C ALA B 437 16.52 -26.21 21.16
N ARG B 438 15.92 -25.02 21.19
CA ARG B 438 15.49 -24.36 19.96
C ARG B 438 16.25 -23.06 19.77
N PRO B 439 16.54 -22.70 18.51
CA PRO B 439 17.05 -21.37 18.27
C PRO B 439 16.02 -20.32 18.70
N LEU B 440 16.52 -19.17 19.16
CA LEU B 440 15.63 -18.08 19.55
C LEU B 440 15.81 -16.88 18.63
N LEU B 441 14.70 -16.44 18.04
CA LEU B 441 14.66 -15.20 17.27
C LEU B 441 14.16 -14.05 18.15
N ARG B 442 15.09 -13.18 18.54
CA ARG B 442 14.72 -12.04 19.39
C ARG B 442 14.73 -10.72 18.61
N SER B 443 13.55 -10.18 18.38
CA SER B 443 13.40 -8.93 17.63
C SER B 443 13.06 -7.76 18.55
N THR B 444 13.86 -6.70 18.55
CA THR B 444 13.62 -5.55 19.44
C THR B 444 13.40 -4.23 18.72
N ASN B 445 12.67 -3.32 19.36
CA ASN B 445 12.60 -1.92 18.88
C ASN B 445 13.96 -1.22 18.91
N ASN B 446 14.60 -1.16 20.07
CA ASN B 446 15.94 -0.59 20.14
C ASN B 446 16.88 -1.44 20.97
N GLY B 447 16.30 -2.18 21.92
CA GLY B 447 17.04 -3.06 22.83
C GLY B 447 17.74 -4.17 22.08
N ILE B 448 18.20 -5.20 22.77
CA ILE B 448 19.03 -6.19 22.07
C ILE B 448 18.24 -7.10 21.13
N THR B 449 18.62 -7.05 19.86
CA THR B 449 18.07 -7.89 18.80
C THR B 449 19.09 -8.95 18.45
N ALA B 450 18.68 -10.20 18.44
CA ALA B 450 19.65 -11.27 18.23
C ALA B 450 19.03 -12.58 17.82
N VAL B 451 19.89 -13.44 17.27
CA VAL B 451 19.54 -14.83 17.02
C VAL B 451 20.33 -15.64 18.03
N ILE B 452 19.62 -16.34 18.90
CA ILE B 452 20.22 -17.21 19.89
C ILE B 452 20.12 -18.66 19.45
N GLY B 453 21.19 -19.43 19.64
CA GLY B 453 21.25 -20.82 19.23
C GLY B 453 20.53 -21.80 20.16
N PRO B 454 20.38 -23.06 19.72
CA PRO B 454 19.62 -24.03 20.51
C PRO B 454 20.32 -24.42 21.80
N GLN B 455 21.49 -23.85 22.06
CA GLN B 455 22.14 -24.07 23.35
C GLN B 455 22.41 -22.78 24.13
N GLY B 456 21.76 -21.70 23.71
CA GLY B 456 21.86 -20.42 24.39
C GLY B 456 22.96 -19.52 23.87
N GLU B 457 23.82 -20.05 23.01
CA GLU B 457 24.87 -19.23 22.42
C GLU B 457 24.29 -18.12 21.52
N ILE B 458 24.98 -16.99 21.47
CA ILE B 458 24.52 -15.90 20.65
C ILE B 458 25.04 -16.12 19.25
N GLN B 459 24.16 -16.54 18.35
CA GLN B 459 24.55 -16.76 16.95
C GLN B 459 24.75 -15.45 16.22
N ALA B 460 23.83 -14.50 16.39
CA ALA B 460 24.00 -13.22 15.68
C ALA B 460 23.46 -12.06 16.47
N MET B 461 24.11 -10.90 16.39
CA MET B 461 23.71 -9.75 17.19
C MET B 461 23.92 -8.40 16.50
N ILE B 462 23.01 -7.45 16.72
CA ILE B 462 23.23 -6.09 16.28
C ILE B 462 23.29 -5.11 17.47
N PRO B 463 24.15 -4.08 17.36
CA PRO B 463 24.30 -3.03 18.39
C PRO B 463 22.98 -2.34 18.67
N GLN B 464 22.80 -1.92 19.92
CA GLN B 464 21.56 -1.28 20.35
C GLN B 464 21.54 0.16 19.88
N PHE B 465 20.42 0.83 20.11
CA PHE B 465 20.35 2.29 19.95
C PHE B 465 20.62 2.74 18.51
N THR B 466 20.39 1.81 17.58
CA THR B 466 20.58 2.01 16.14
C THR B 466 19.32 1.57 15.43
N ARG B 467 18.99 2.26 14.35
CA ARG B 467 18.03 1.80 13.36
C ARG B 467 18.79 0.90 12.39
N GLU B 468 18.46 -0.38 12.34
CA GLU B 468 19.27 -1.33 11.57
C GLU B 468 18.53 -2.63 11.37
N VAL B 469 18.93 -3.43 10.39
CA VAL B 469 18.30 -4.73 10.20
C VAL B 469 19.31 -5.84 10.44
N LEU B 470 18.95 -6.83 11.26
CA LEU B 470 19.81 -7.97 11.43
C LEU B 470 19.37 -9.00 10.43
N THR B 471 20.30 -9.51 9.62
CA THR B 471 19.98 -10.57 8.66
C THR B 471 21.02 -11.67 8.71
N THR B 472 20.58 -12.89 8.99
CA THR B 472 21.47 -14.07 8.83
C THR B 472 20.70 -15.31 8.47
N ASN B 473 21.44 -16.41 8.37
CA ASN B 473 20.85 -17.71 8.17
C ASN B 473 20.60 -18.37 9.49
N VAL B 474 19.46 -19.05 9.58
CA VAL B 474 19.13 -19.80 10.76
C VAL B 474 18.56 -21.16 10.39
N THR B 475 19.13 -22.17 11.05
CA THR B 475 18.76 -23.56 10.95
C THR B 475 17.88 -24.00 12.12
N PRO B 476 16.67 -24.47 11.86
CA PRO B 476 15.84 -24.93 12.98
C PRO B 476 16.34 -26.26 13.51
N THR B 477 15.82 -26.68 14.66
CA THR B 477 16.29 -27.91 15.32
C THR B 477 15.09 -28.72 15.81
N THR B 478 15.31 -30.02 16.03
CA THR B 478 14.19 -30.88 16.36
C THR B 478 14.58 -31.74 17.53
N GLY B 479 13.59 -32.22 18.27
CA GLY B 479 13.89 -33.07 19.42
C GLY B 479 13.33 -32.51 20.71
N LEU B 480 13.26 -33.35 21.74
CA LEU B 480 12.77 -32.93 23.04
C LEU B 480 13.86 -33.05 24.09
N THR B 481 13.87 -32.11 25.03
CA THR B 481 14.73 -32.12 26.19
C THR B 481 13.95 -32.73 27.34
N PRO B 482 14.66 -33.30 28.34
CA PRO B 482 13.94 -33.75 29.53
C PRO B 482 13.08 -32.63 30.11
N TYR B 483 13.62 -31.41 30.18
CA TYR B 483 12.85 -30.28 30.68
C TYR B 483 11.63 -30.00 29.80
N ALA B 484 11.81 -30.11 28.48
CA ALA B 484 10.68 -29.98 27.58
C ALA B 484 9.56 -30.96 27.94
N ARG B 485 9.95 -32.21 28.23
CA ARG B 485 8.99 -33.27 28.55
C ARG B 485 8.31 -33.09 29.92
N THR B 486 9.09 -32.72 30.91
CA THR B 486 8.61 -32.74 32.30
C THR B 486 8.26 -31.37 32.86
N GLY B 487 9.18 -30.44 32.70
CA GLY B 487 9.00 -29.11 33.24
C GLY B 487 9.63 -28.98 34.60
N ASN B 488 8.84 -28.58 35.58
CA ASN B 488 9.36 -28.23 36.91
C ASN B 488 9.31 -29.34 37.95
N TRP B 489 8.58 -30.41 37.65
CA TRP B 489 8.23 -31.33 38.73
C TRP B 489 9.40 -32.18 39.25
N PRO B 490 10.35 -32.65 38.40
CA PRO B 490 11.48 -33.33 39.04
C PRO B 490 12.14 -32.48 40.12
N LEU B 491 12.39 -31.22 39.79
CA LEU B 491 13.03 -30.31 40.73
C LEU B 491 12.15 -30.05 41.94
N TRP B 492 10.83 -30.03 41.76
CA TRP B 492 9.96 -29.85 42.92
C TRP B 492 9.92 -31.10 43.82
N VAL B 493 10.21 -32.24 43.23
CA VAL B 493 10.21 -33.50 43.94
C VAL B 493 11.48 -33.60 44.77
N LEU B 494 12.61 -33.31 44.13
CA LEU B 494 13.86 -33.16 44.86
C LEU B 494 13.71 -32.13 45.99
N THR B 495 13.04 -31.02 45.69
CA THR B 495 12.76 -29.99 46.68
C THR B 495 11.95 -30.55 47.84
N ALA B 496 10.95 -31.36 47.53
CA ALA B 496 10.09 -31.92 48.56
C ALA B 496 10.89 -32.85 49.47
N LEU B 497 11.68 -33.73 48.88
CA LEU B 497 12.47 -34.66 49.66
C LEU B 497 13.47 -33.94 50.55
N PHE B 498 14.27 -33.05 49.96
CA PHE B 498 15.20 -32.26 50.76
C PHE B 498 14.47 -31.55 51.88
N GLY B 499 13.28 -31.03 51.57
CA GLY B 499 12.48 -30.29 52.52
C GLY B 499 12.09 -31.15 53.72
N PHE B 500 11.26 -32.15 53.46
CA PHE B 500 10.86 -33.13 54.44
C PHE B 500 12.01 -33.65 55.31
N ALA B 501 13.01 -34.24 54.65
CA ALA B 501 14.23 -34.65 55.32
C ALA B 501 14.82 -33.55 56.22
N ALA B 502 14.59 -32.31 55.87
CA ALA B 502 15.13 -31.21 56.66
C ALA B 502 14.29 -30.76 57.82
N VAL B 503 12.98 -30.83 57.71
CA VAL B 503 12.12 -30.47 58.82
C VAL B 503 12.39 -31.40 59.98
N LEU B 504 12.75 -32.62 59.68
CA LEU B 504 12.95 -33.59 60.73
C LEU B 504 14.29 -33.23 61.32
N MET B 505 14.28 -32.14 62.09
CA MET B 505 15.44 -31.69 62.84
C MET B 505 15.26 -30.29 63.40
C1 HTG C . -21.72 20.56 -69.49
S1 HTG C . -21.66 20.32 -71.31
C2 HTG C . -22.61 19.49 -68.90
O2 HTG C . -24.00 19.72 -69.36
C3 HTG C . -22.56 19.46 -67.44
O3 HTG C . -23.45 18.36 -66.96
C4 HTG C . -21.18 19.28 -66.92
O4 HTG C . -21.19 19.17 -65.48
C5 HTG C . -20.27 20.47 -67.39
O5 HTG C . -20.35 20.59 -68.92
C6 HTG C . -18.93 20.24 -67.01
O6 HTG C . -18.36 19.35 -67.93
C1' HTG C . -20.23 21.15 -72.08
C2' HTG C . -20.50 22.63 -72.38
C3' HTG C . -19.32 23.29 -73.12
C4' HTG C . -18.20 22.28 -73.49
C5' HTG C . -17.25 22.77 -74.61
C6' HTG C . -15.99 23.46 -74.05
C7' HTG C . -14.89 23.66 -75.11
C1 HTG D . 7.23 5.39 0.06
S1 HTG D . 6.45 4.22 1.04
C2 HTG D . 7.54 6.80 0.60
O2 HTG D . 6.45 7.71 0.52
C3 HTG D . 8.59 7.38 -0.31
O3 HTG D . 9.04 8.61 0.16
C4 HTG D . 9.81 6.51 -0.41
O4 HTG D . 10.62 7.08 -1.40
C5 HTG D . 9.33 5.18 -0.92
O5 HTG D . 8.43 4.70 0.04
C6 HTG D . 10.43 4.18 -1.03
O6 HTG D . 11.57 4.82 -1.57
C1' HTG D . 5.20 4.93 2.06
C2' HTG D . 4.19 3.88 2.55
C3' HTG D . 3.12 4.44 3.48
C4' HTG D . 1.76 3.79 3.35
C5' HTG D . 0.62 4.70 3.80
C6' HTG D . -0.77 4.06 3.73
C7' HTG D . -1.95 4.95 4.10
C1 PEG E . -4.23 4.43 -46.06
O1 PEG E . -3.61 3.86 -44.94
C2 PEG E . -5.64 4.89 -45.69
O2 PEG E . -6.59 4.46 -46.63
C3 PEG E . -7.17 3.20 -46.38
C4 PEG E . -7.15 2.83 -44.89
O4 PEG E . -6.22 1.81 -44.61
C1 HTG F . 7.47 -2.75 -5.58
S1 HTG F . 5.70 -2.55 -5.86
C2 HTG F . 8.04 -3.86 -6.41
O2 HTG F . 7.43 -5.14 -5.96
C3 HTG F . 9.47 -3.96 -6.17
O3 HTG F . 10.10 -5.13 -6.84
C4 HTG F . 10.14 -2.69 -6.57
O4 HTG F . 11.55 -2.85 -6.43
C5 HTG F . 9.64 -1.55 -5.63
O5 HTG F . 8.13 -1.46 -5.83
C6 HTG F . 10.25 -0.30 -5.92
O6 HTG F . 10.36 -0.15 -7.30
C1' HTG F . 5.14 -1.34 -4.61
C2' HTG F . 5.24 -1.93 -3.19
C3' HTG F . 3.93 -1.74 -2.41
C4' HTG F . 4.12 -1.70 -0.88
C5' HTG F . 3.39 -0.52 -0.19
C6' HTG F . 2.70 0.47 -1.17
C7' HTG F . 2.95 1.98 -0.92
C1 HTG G . 31.22 -17.20 65.74
S1 HTG G . 30.85 -18.00 67.35
C2 HTG G . 32.19 -18.09 65.03
O2 HTG G . 33.46 -18.01 65.79
C3 HTG G . 32.47 -17.74 63.64
O3 HTG G . 33.14 -18.90 63.01
C4 HTG G . 31.28 -17.42 62.83
O4 HTG G . 31.69 -16.63 61.71
C5 HTG G . 30.12 -16.64 63.52
O5 HTG G . 29.96 -16.99 65.01
C6 HTG G . 28.95 -17.00 62.81
O6 HTG G . 29.19 -16.71 61.46
C1 HTG H . 26.53 0.37 37.18
S1 HTG H . 27.40 -0.51 35.84
C2 HTG H . 25.08 0.57 36.82
O2 HTG H . 24.91 1.55 35.73
C3 HTG H . 24.35 1.01 37.98
O3 HTG H . 22.96 1.39 37.59
C4 HTG H . 24.29 -0.07 38.97
O4 HTG H . 23.34 0.27 39.99
C5 HTG H . 25.71 -0.25 39.59
O5 HTG H . 26.73 -0.40 38.44
C6 HTG H . 25.69 -1.38 40.48
O6 HTG H . 26.68 -2.31 40.12
C1' HTG H . 27.33 0.33 34.21
C2' HTG H . 27.04 -0.64 33.05
C3' HTG H . 28.27 -1.45 32.59
C4' HTG H . 28.32 -1.61 31.05
C5' HTG H . 29.65 -1.07 30.44
C6' HTG H . 29.50 0.39 29.96
C7' HTG H . 29.80 1.41 31.07
C1' HTG I . -3.46 -6.50 -2.42
C2' HTG I . -2.11 -6.47 -3.09
C3' HTG I . -1.60 -5.06 -3.29
C4' HTG I . -0.20 -5.02 -3.85
C5' HTG I . 0.04 -3.78 -4.69
C6' HTG I . 1.52 -3.48 -4.83
C7' HTG I . 1.81 -2.49 -5.92
C1 PEG J . 22.51 -18.06 68.14
O1 PEG J . 21.70 -19.21 68.13
C2 PEG J . 21.70 -16.84 68.58
O2 PEG J . 21.79 -16.69 69.98
C3 PEG J . 22.64 -15.67 70.44
C4 PEG J . 23.02 -15.96 71.89
O4 PEG J . 23.55 -14.82 72.52
C1 GOL K . 34.99 -15.45 60.36
O1 GOL K . 34.84 -16.74 60.89
C2 GOL K . 35.79 -15.52 59.08
O2 GOL K . 35.17 -16.38 58.14
C3 GOL K . 35.89 -14.11 58.48
O3 GOL K . 36.74 -14.14 57.36
C1 GOL L . 35.13 -17.82 68.53
O1 GOL L . 34.85 -16.63 67.83
C2 GOL L . 35.82 -18.83 67.61
O2 GOL L . 35.91 -18.23 66.34
C3 GOL L . 35.01 -20.12 67.52
O3 GOL L . 35.73 -21.01 66.71
#